data_2KFH
#
_entry.id   2KFH
#
loop_
_entity.id
_entity.type
_entity.pdbx_description
1 polymer 'EH domain-containing protein 1'
2 polymer 'Rab11-FIP2 GPF peptide FNYESTGPFTAK'
3 non-polymer 'CALCIUM ION'
#
loop_
_entity_poly.entity_id
_entity_poly.type
_entity_poly.pdbx_seq_one_letter_code
_entity_poly.pdbx_strand_id
1 'polypeptide(L)'
;GPLGSDDVEWVVGKDKPTYDEIFYTLSPVNGKITGANAKKEMVKSKLPNTVLGKIWKLADVDKDGLLDDEEFALANHLIK
VKLEGHELPADLPPHLVPPSKRRHE
;
A
2 'polypeptide(L)' FNYESTGPFTAK B
#
# COMPACT_ATOMS: atom_id res chain seq x y z
N GLY A 1 20.62 26.49 1.03
CA GLY A 1 19.73 25.32 0.99
C GLY A 1 18.35 25.63 1.52
N PRO A 2 17.39 24.70 1.40
CA PRO A 2 16.03 24.90 1.89
C PRO A 2 15.88 24.49 3.35
N LEU A 3 15.61 25.48 4.20
CA LEU A 3 15.38 25.21 5.61
C LEU A 3 13.89 25.02 5.86
N GLY A 4 13.09 25.93 5.34
CA GLY A 4 11.65 25.84 5.49
C GLY A 4 11.03 24.94 4.44
N SER A 5 11.44 23.69 4.43
CA SER A 5 10.93 22.72 3.48
C SER A 5 9.66 22.08 4.02
N ASP A 6 8.54 22.31 3.34
CA ASP A 6 7.29 21.67 3.72
C ASP A 6 7.29 20.22 3.27
N ASP A 7 7.71 19.33 4.16
CA ASP A 7 7.76 17.91 3.88
C ASP A 7 6.98 17.17 4.95
N VAL A 8 5.81 16.67 4.61
CA VAL A 8 4.93 16.03 5.58
C VAL A 8 5.41 14.62 5.91
N GLU A 9 5.38 14.29 7.20
CA GLU A 9 5.85 13.00 7.69
C GLU A 9 4.95 11.87 7.19
N TRP A 10 5.57 10.85 6.62
CA TRP A 10 4.85 9.70 6.15
C TRP A 10 4.58 8.75 7.31
N VAL A 11 3.34 8.72 7.76
CA VAL A 11 2.96 8.00 8.97
C VAL A 11 3.09 6.48 8.82
N VAL A 12 3.38 6.03 7.60
CA VAL A 12 3.56 4.61 7.34
C VAL A 12 4.97 4.16 7.75
N GLY A 13 5.90 5.11 7.77
CA GLY A 13 7.30 4.77 8.04
C GLY A 13 7.55 4.45 9.50
N LYS A 14 6.57 4.69 10.36
CA LYS A 14 6.75 4.49 11.80
C LYS A 14 6.76 3.00 12.14
N ASP A 15 6.07 2.20 11.34
CA ASP A 15 6.00 0.77 11.59
C ASP A 15 6.46 0.01 10.35
N LYS A 16 7.39 0.61 9.64
CA LYS A 16 7.86 0.04 8.38
C LYS A 16 8.71 -1.20 8.59
N PRO A 17 9.67 -1.22 9.56
CA PRO A 17 10.49 -2.41 9.87
C PRO A 17 9.67 -3.70 9.97
N THR A 18 8.48 -3.58 10.52
CA THR A 18 7.60 -4.73 10.69
C THR A 18 7.12 -5.24 9.33
N TYR A 19 6.68 -4.30 8.49
CA TYR A 19 6.16 -4.65 7.17
C TYR A 19 7.32 -5.01 6.25
N ASP A 20 8.51 -4.56 6.63
CA ASP A 20 9.73 -4.89 5.92
C ASP A 20 10.03 -6.37 6.08
N GLU A 21 9.91 -6.86 7.31
CA GLU A 21 10.16 -8.27 7.57
C GLU A 21 9.09 -9.14 6.91
N ILE A 22 7.90 -8.58 6.76
CA ILE A 22 6.83 -9.27 6.05
C ILE A 22 7.03 -9.17 4.53
N PHE A 23 7.65 -8.08 4.10
CA PHE A 23 7.93 -7.84 2.69
C PHE A 23 9.03 -8.79 2.20
N TYR A 24 10.04 -8.98 3.03
CA TYR A 24 11.20 -9.78 2.66
C TYR A 24 10.91 -11.27 2.76
N THR A 25 9.80 -11.63 3.38
CA THR A 25 9.41 -13.02 3.52
C THR A 25 8.50 -13.44 2.36
N LEU A 26 8.10 -12.47 1.54
CA LEU A 26 7.26 -12.73 0.37
C LEU A 26 8.12 -12.73 -0.90
N SER A 27 9.44 -12.74 -0.69
CA SER A 27 10.41 -12.78 -1.79
C SER A 27 10.36 -11.51 -2.64
N PRO A 28 11.09 -10.47 -2.22
CA PRO A 28 11.16 -9.21 -2.94
C PRO A 28 12.24 -9.23 -4.03
N VAL A 29 11.86 -8.81 -5.23
CA VAL A 29 12.79 -8.73 -6.33
C VAL A 29 13.03 -7.27 -6.70
N ASN A 30 14.21 -6.79 -6.39
CA ASN A 30 14.61 -5.42 -6.72
C ASN A 30 13.73 -4.38 -6.03
N GLY A 31 13.21 -4.74 -4.85
CA GLY A 31 12.47 -3.78 -4.05
C GLY A 31 10.97 -3.84 -4.27
N LYS A 32 10.51 -4.77 -5.08
CA LYS A 32 9.07 -4.94 -5.33
C LYS A 32 8.68 -6.41 -5.14
N ILE A 33 7.45 -6.64 -4.73
CA ILE A 33 6.91 -7.98 -4.67
C ILE A 33 5.73 -8.13 -5.61
N THR A 34 5.44 -9.38 -5.94
CA THR A 34 4.32 -9.70 -6.82
C THR A 34 2.99 -9.50 -6.10
N GLY A 35 1.95 -9.19 -6.87
CA GLY A 35 0.65 -8.98 -6.28
C GLY A 35 0.03 -10.28 -5.79
N ALA A 36 0.67 -11.38 -6.17
CA ALA A 36 0.23 -12.70 -5.75
C ALA A 36 0.47 -12.94 -4.27
N ASN A 37 1.63 -12.48 -3.79
CA ASN A 37 2.01 -12.66 -2.41
C ASN A 37 1.34 -11.61 -1.53
N ALA A 38 1.16 -10.42 -2.10
CA ALA A 38 0.37 -9.39 -1.44
C ALA A 38 -1.07 -9.87 -1.28
N LYS A 39 -1.61 -10.43 -2.36
CA LYS A 39 -2.93 -11.04 -2.37
C LYS A 39 -3.05 -12.08 -1.25
N LYS A 40 -1.99 -12.87 -1.10
CA LYS A 40 -1.92 -13.89 -0.07
C LYS A 40 -2.06 -13.28 1.33
N GLU A 41 -1.29 -12.24 1.61
CA GLU A 41 -1.38 -11.54 2.89
C GLU A 41 -2.79 -10.97 3.10
N MET A 42 -3.29 -10.31 2.06
CA MET A 42 -4.60 -9.67 2.11
C MET A 42 -5.70 -10.67 2.49
N VAL A 43 -5.70 -11.84 1.85
CA VAL A 43 -6.72 -12.83 2.09
C VAL A 43 -6.49 -13.56 3.42
N LYS A 44 -5.27 -13.51 3.94
CA LYS A 44 -4.99 -14.09 5.26
C LYS A 44 -5.58 -13.19 6.35
N SER A 45 -5.69 -11.91 6.04
CA SER A 45 -6.25 -10.96 6.97
C SER A 45 -7.77 -10.91 6.88
N LYS A 46 -8.34 -11.79 6.06
CA LYS A 46 -9.78 -12.03 6.01
C LYS A 46 -10.57 -10.80 5.56
N LEU A 47 -9.99 -9.99 4.70
CA LEU A 47 -10.70 -8.83 4.17
C LEU A 47 -11.49 -9.23 2.93
N PRO A 48 -12.75 -8.75 2.82
CA PRO A 48 -13.60 -9.03 1.66
C PRO A 48 -12.97 -8.54 0.35
N ASN A 49 -13.33 -9.19 -0.76
CA ASN A 49 -12.76 -8.86 -2.06
C ASN A 49 -12.93 -7.38 -2.40
N THR A 50 -14.04 -6.80 -1.95
CA THR A 50 -14.30 -5.39 -2.15
C THR A 50 -13.25 -4.54 -1.44
N VAL A 51 -12.99 -4.89 -0.18
CA VAL A 51 -12.03 -4.19 0.65
C VAL A 51 -10.61 -4.42 0.14
N LEU A 52 -10.37 -5.61 -0.42
CA LEU A 52 -9.09 -5.93 -1.02
C LEU A 52 -8.76 -4.92 -2.12
N GLY A 53 -9.75 -4.67 -2.99
CA GLY A 53 -9.56 -3.70 -4.05
C GLY A 53 -9.39 -2.30 -3.52
N LYS A 54 -10.11 -2.00 -2.43
CA LYS A 54 -9.99 -0.72 -1.74
C LYS A 54 -8.54 -0.47 -1.30
N ILE A 55 -7.98 -1.46 -0.60
CA ILE A 55 -6.63 -1.34 -0.08
C ILE A 55 -5.61 -1.18 -1.21
N TRP A 56 -5.72 -2.00 -2.25
CA TRP A 56 -4.80 -1.90 -3.38
C TRP A 56 -4.87 -0.51 -4.02
N LYS A 57 -6.09 -0.05 -4.26
CA LYS A 57 -6.33 1.28 -4.83
C LYS A 57 -5.64 2.39 -4.03
N LEU A 58 -5.63 2.25 -2.72
CA LEU A 58 -5.06 3.27 -1.86
C LEU A 58 -3.56 3.08 -1.67
N ALA A 59 -3.11 1.84 -1.74
CA ALA A 59 -1.70 1.54 -1.48
C ALA A 59 -0.83 1.83 -2.70
N ASP A 60 -1.31 1.47 -3.88
CA ASP A 60 -0.53 1.68 -5.09
C ASP A 60 -1.05 2.90 -5.85
N VAL A 61 -0.41 4.04 -5.61
CA VAL A 61 -0.86 5.32 -6.16
C VAL A 61 -0.69 5.37 -7.66
N ASP A 62 0.42 4.84 -8.15
CA ASP A 62 0.74 4.89 -9.57
C ASP A 62 0.18 3.69 -10.30
N LYS A 63 -0.11 2.64 -9.54
CA LYS A 63 -0.71 1.42 -10.08
C LYS A 63 0.24 0.72 -11.04
N ASP A 64 1.40 0.32 -10.52
CA ASP A 64 2.40 -0.37 -11.33
C ASP A 64 2.26 -1.88 -11.21
N GLY A 65 1.17 -2.32 -10.58
CA GLY A 65 0.87 -3.74 -10.48
C GLY A 65 1.74 -4.48 -9.49
N LEU A 66 2.87 -3.89 -9.16
CA LEU A 66 3.79 -4.45 -8.20
C LEU A 66 3.83 -3.56 -6.98
N LEU A 67 4.11 -4.15 -5.82
CA LEU A 67 4.21 -3.36 -4.61
C LEU A 67 5.66 -3.16 -4.21
N ASP A 68 6.06 -1.89 -4.15
CA ASP A 68 7.37 -1.54 -3.60
C ASP A 68 7.36 -1.80 -2.11
N ASP A 69 8.53 -1.76 -1.50
CA ASP A 69 8.63 -1.92 -0.07
C ASP A 69 7.83 -0.81 0.63
N GLU A 70 7.85 0.37 0.03
CA GLU A 70 7.07 1.51 0.52
C GLU A 70 5.57 1.21 0.39
N GLU A 71 5.16 0.80 -0.80
CA GLU A 71 3.75 0.59 -1.11
C GLU A 71 3.16 -0.53 -0.26
N PHE A 72 3.92 -1.61 -0.13
CA PHE A 72 3.46 -2.76 0.65
C PHE A 72 3.36 -2.39 2.12
N ALA A 73 4.26 -1.55 2.59
CA ALA A 73 4.20 -1.06 3.96
C ALA A 73 2.90 -0.31 4.19
N LEU A 74 2.50 0.49 3.21
CA LEU A 74 1.25 1.23 3.29
C LEU A 74 0.06 0.28 3.31
N ALA A 75 0.04 -0.63 2.35
CA ALA A 75 -1.02 -1.64 2.26
C ALA A 75 -1.13 -2.40 3.56
N ASN A 76 -0.02 -3.00 3.99
CA ASN A 76 0.03 -3.77 5.22
C ASN A 76 -0.50 -2.97 6.40
N HIS A 77 -0.17 -1.68 6.45
CA HIS A 77 -0.64 -0.82 7.51
C HIS A 77 -2.17 -0.76 7.50
N LEU A 78 -2.74 -0.44 6.34
CA LEU A 78 -4.19 -0.37 6.19
C LEU A 78 -4.85 -1.68 6.63
N ILE A 79 -4.24 -2.79 6.21
CA ILE A 79 -4.75 -4.11 6.53
C ILE A 79 -4.87 -4.32 8.03
N LYS A 80 -3.76 -4.15 8.73
CA LYS A 80 -3.69 -4.43 10.16
C LYS A 80 -4.52 -3.42 10.94
N VAL A 81 -4.56 -2.20 10.44
CA VAL A 81 -5.41 -1.16 11.02
C VAL A 81 -6.89 -1.54 10.91
N LYS A 82 -7.25 -2.24 9.84
CA LYS A 82 -8.60 -2.78 9.71
C LYS A 82 -8.82 -3.89 10.75
N LEU A 83 -7.78 -4.68 10.97
CA LEU A 83 -7.84 -5.75 11.98
C LEU A 83 -7.94 -5.16 13.38
N GLU A 84 -7.40 -3.96 13.55
CA GLU A 84 -7.51 -3.22 14.81
C GLU A 84 -8.96 -2.85 15.10
N GLY A 85 -9.78 -2.82 14.06
CA GLY A 85 -11.16 -2.42 14.22
C GLY A 85 -11.41 -1.02 13.67
N HIS A 86 -10.43 -0.49 12.95
CA HIS A 86 -10.58 0.82 12.32
C HIS A 86 -11.19 0.65 10.94
N GLU A 87 -11.78 1.71 10.40
CA GLU A 87 -12.28 1.68 9.02
C GLU A 87 -11.49 2.63 8.15
N LEU A 88 -11.60 2.47 6.84
CA LEU A 88 -10.83 3.27 5.90
C LEU A 88 -11.74 4.29 5.22
N PRO A 89 -11.26 5.54 5.08
CA PRO A 89 -11.99 6.60 4.41
C PRO A 89 -12.03 6.41 2.90
N ALA A 90 -11.16 5.51 2.41
CA ALA A 90 -11.06 5.18 0.99
C ALA A 90 -10.60 6.36 0.15
N ASP A 91 -10.00 7.34 0.80
CA ASP A 91 -9.42 8.48 0.09
C ASP A 91 -7.98 8.67 0.56
N LEU A 92 -7.14 9.21 -0.29
CA LEU A 92 -5.72 9.30 -0.03
C LEU A 92 -5.30 10.74 0.33
N PRO A 93 -5.03 10.99 1.62
CA PRO A 93 -4.51 12.28 2.08
C PRO A 93 -3.01 12.42 1.83
N PRO A 94 -2.50 13.66 1.71
CA PRO A 94 -1.10 13.93 1.36
C PRO A 94 -0.07 13.30 2.31
N HIS A 95 -0.46 13.05 3.57
CA HIS A 95 0.47 12.45 4.52
C HIS A 95 0.45 10.92 4.43
N LEU A 96 -0.33 10.40 3.50
CA LEU A 96 -0.32 8.97 3.23
C LEU A 96 0.30 8.67 1.89
N VAL A 97 0.38 9.70 1.04
CA VAL A 97 0.99 9.53 -0.28
C VAL A 97 2.51 9.46 -0.15
N PRO A 98 3.12 8.38 -0.63
CA PRO A 98 4.58 8.22 -0.62
C PRO A 98 5.30 9.44 -1.19
N PRO A 99 6.38 9.88 -0.53
CA PRO A 99 7.10 11.12 -0.88
C PRO A 99 7.48 11.21 -2.35
N SER A 100 7.84 10.09 -2.95
CA SER A 100 8.30 10.08 -4.33
C SER A 100 7.15 9.90 -5.32
N LYS A 101 5.92 9.80 -4.81
CA LYS A 101 4.75 9.63 -5.67
C LYS A 101 3.75 10.77 -5.49
N ARG A 102 4.10 11.76 -4.68
CA ARG A 102 3.13 12.78 -4.28
C ARG A 102 3.33 14.11 -5.02
N ARG A 103 2.22 14.83 -5.18
CA ARG A 103 2.24 16.21 -5.68
C ARG A 103 1.47 17.09 -4.71
N HIS A 104 1.77 18.37 -4.68
CA HIS A 104 0.96 19.30 -3.93
C HIS A 104 0.64 20.54 -4.76
N GLU A 105 -0.62 20.68 -5.12
CA GLU A 105 -1.08 21.85 -5.85
C GLU A 105 -1.95 22.71 -4.94
N PHE B 1 -3.91 -19.16 -17.43
CA PHE B 1 -2.98 -18.00 -17.45
C PHE B 1 -3.50 -16.90 -16.53
N ASN B 2 -2.69 -16.52 -15.55
CA ASN B 2 -3.06 -15.46 -14.62
C ASN B 2 -3.03 -14.09 -15.29
N TYR B 3 -4.10 -13.32 -15.08
CA TYR B 3 -4.24 -12.01 -15.69
C TYR B 3 -5.09 -11.11 -14.80
N GLU B 4 -4.70 -9.85 -14.67
CA GLU B 4 -5.43 -8.91 -13.82
C GLU B 4 -5.97 -7.73 -14.64
N SER B 5 -6.64 -6.81 -13.98
CA SER B 5 -7.25 -5.67 -14.66
C SER B 5 -6.71 -4.36 -14.10
N THR B 6 -6.90 -4.18 -12.80
CA THR B 6 -6.45 -2.98 -12.10
C THR B 6 -5.88 -3.37 -10.75
N GLY B 7 -5.29 -4.56 -10.71
CA GLY B 7 -4.86 -5.12 -9.46
C GLY B 7 -5.27 -6.58 -9.38
N PRO B 8 -4.60 -7.36 -8.52
CA PRO B 8 -4.84 -8.80 -8.39
C PRO B 8 -6.16 -9.10 -7.66
N PHE B 9 -6.86 -8.04 -7.26
CA PHE B 9 -8.12 -8.18 -6.53
C PHE B 9 -9.33 -7.83 -7.40
N THR B 10 -9.18 -6.79 -8.22
CA THR B 10 -10.30 -6.22 -8.97
C THR B 10 -10.55 -6.93 -10.30
N ALA B 11 -10.11 -8.18 -10.38
CA ALA B 11 -10.32 -8.97 -11.59
C ALA B 11 -11.79 -9.38 -11.71
N LYS B 12 -12.29 -9.40 -12.93
CA LYS B 12 -13.68 -9.76 -13.18
C LYS B 12 -13.80 -11.27 -13.39
N GLY A 1 1.49 26.25 7.94
CA GLY A 1 2.72 26.68 7.25
C GLY A 1 2.50 27.91 6.40
N PRO A 2 3.32 28.95 6.58
CA PRO A 2 3.22 30.20 5.81
C PRO A 2 3.37 29.94 4.30
N LEU A 3 4.22 29.00 3.93
CA LEU A 3 4.42 28.67 2.53
C LEU A 3 4.44 27.17 2.35
N GLY A 4 5.51 26.53 2.80
CA GLY A 4 5.64 25.10 2.66
C GLY A 4 7.07 24.66 2.49
N SER A 5 7.70 24.31 3.60
CA SER A 5 9.09 23.84 3.58
C SER A 5 9.27 22.89 4.75
N ASP A 6 8.17 22.28 5.16
CA ASP A 6 8.14 21.46 6.35
C ASP A 6 7.97 19.99 5.99
N ASP A 7 9.05 19.22 6.16
CA ASP A 7 9.03 17.80 5.82
C ASP A 7 8.29 16.99 6.86
N VAL A 8 7.01 16.73 6.61
CA VAL A 8 6.22 15.87 7.46
C VAL A 8 6.54 14.41 7.15
N GLU A 9 7.03 13.70 8.14
CA GLU A 9 7.44 12.31 7.97
C GLU A 9 6.27 11.40 7.67
N TRP A 10 6.56 10.34 6.92
CA TRP A 10 5.57 9.35 6.54
C TRP A 10 5.20 8.54 7.78
N VAL A 11 3.93 8.63 8.19
CA VAL A 11 3.48 8.01 9.42
C VAL A 11 3.49 6.48 9.31
N VAL A 12 3.72 5.98 8.10
CA VAL A 12 3.83 4.54 7.89
C VAL A 12 5.28 4.08 8.07
N GLY A 13 6.20 5.04 7.94
CA GLY A 13 7.61 4.72 7.99
C GLY A 13 8.09 4.37 9.38
N LYS A 14 7.32 4.77 10.39
CA LYS A 14 7.68 4.50 11.78
C LYS A 14 7.42 3.05 12.15
N ASP A 15 6.47 2.43 11.47
CA ASP A 15 6.14 1.02 11.70
C ASP A 15 6.77 0.15 10.63
N LYS A 16 7.95 0.56 10.17
CA LYS A 16 8.62 -0.14 9.08
C LYS A 16 9.09 -1.54 9.47
N PRO A 17 9.89 -1.71 10.55
CA PRO A 17 10.49 -3.01 10.90
C PRO A 17 9.54 -4.21 10.73
N THR A 18 8.29 -4.04 11.16
CA THR A 18 7.29 -5.09 11.05
C THR A 18 6.90 -5.34 9.58
N TYR A 19 6.67 -4.25 8.85
CA TYR A 19 6.24 -4.36 7.46
C TYR A 19 7.40 -4.79 6.58
N ASP A 20 8.62 -4.53 7.06
CA ASP A 20 9.83 -4.96 6.37
C ASP A 20 9.95 -6.46 6.48
N GLU A 21 9.69 -6.96 7.67
CA GLU A 21 9.72 -8.39 7.93
C GLU A 21 8.77 -9.11 7.01
N ILE A 22 7.54 -8.61 6.91
CA ILE A 22 6.53 -9.23 6.08
C ILE A 22 6.83 -9.07 4.59
N PHE A 23 7.36 -7.91 4.21
CA PHE A 23 7.67 -7.63 2.81
C PHE A 23 8.78 -8.53 2.30
N TYR A 24 9.83 -8.68 3.10
CA TYR A 24 11.01 -9.43 2.66
C TYR A 24 10.80 -10.93 2.79
N THR A 25 9.74 -11.32 3.50
CA THR A 25 9.42 -12.74 3.64
C THR A 25 8.52 -13.21 2.50
N LEU A 26 8.03 -12.28 1.70
CA LEU A 26 7.17 -12.61 0.55
C LEU A 26 8.00 -12.74 -0.72
N SER A 27 9.32 -12.73 -0.57
CA SER A 27 10.25 -12.77 -1.70
C SER A 27 10.18 -11.46 -2.50
N PRO A 28 10.96 -10.45 -2.10
CA PRO A 28 10.98 -9.15 -2.78
C PRO A 28 11.77 -9.19 -4.07
N VAL A 29 11.14 -8.79 -5.16
CA VAL A 29 11.81 -8.72 -6.45
C VAL A 29 11.88 -7.28 -6.93
N ASN A 30 13.11 -6.81 -7.12
CA ASN A 30 13.38 -5.43 -7.56
C ASN A 30 12.91 -4.42 -6.52
N GLY A 31 12.80 -4.88 -5.27
CA GLY A 31 12.32 -4.03 -4.19
C GLY A 31 10.81 -3.89 -4.17
N LYS A 32 10.14 -4.80 -4.88
CA LYS A 32 8.70 -4.81 -4.96
C LYS A 32 8.18 -6.24 -4.84
N ILE A 33 6.92 -6.40 -4.49
CA ILE A 33 6.27 -7.69 -4.50
C ILE A 33 5.10 -7.68 -5.46
N THR A 34 4.70 -8.85 -5.92
CA THR A 34 3.67 -8.96 -6.93
C THR A 34 2.29 -9.05 -6.29
N GLY A 35 1.25 -9.02 -7.11
CA GLY A 35 -0.09 -9.16 -6.62
C GLY A 35 -0.34 -10.53 -6.02
N ALA A 36 0.51 -11.48 -6.37
CA ALA A 36 0.41 -12.85 -5.85
C ALA A 36 0.70 -12.88 -4.36
N ASN A 37 1.75 -12.20 -3.96
CA ASN A 37 2.21 -12.24 -2.58
C ASN A 37 1.33 -11.34 -1.72
N ALA A 38 0.99 -10.18 -2.25
CA ALA A 38 0.11 -9.26 -1.56
C ALA A 38 -1.26 -9.90 -1.36
N LYS A 39 -1.76 -10.56 -2.41
CA LYS A 39 -3.03 -11.28 -2.32
C LYS A 39 -2.96 -12.30 -1.20
N LYS A 40 -1.87 -13.06 -1.18
CA LYS A 40 -1.66 -14.10 -0.19
C LYS A 40 -1.84 -13.56 1.24
N GLU A 41 -1.18 -12.45 1.54
CA GLU A 41 -1.25 -11.89 2.88
C GLU A 41 -2.63 -11.27 3.14
N MET A 42 -3.15 -10.53 2.15
CA MET A 42 -4.41 -9.83 2.32
C MET A 42 -5.59 -10.79 2.54
N VAL A 43 -5.58 -11.92 1.83
CA VAL A 43 -6.62 -12.92 2.02
C VAL A 43 -6.39 -13.71 3.31
N LYS A 44 -5.11 -13.82 3.70
CA LYS A 44 -4.75 -14.42 4.99
C LYS A 44 -5.27 -13.58 6.15
N SER A 45 -5.45 -12.30 5.89
CA SER A 45 -5.99 -11.38 6.88
C SER A 45 -7.50 -11.58 7.03
N LYS A 46 -8.07 -12.39 6.14
CA LYS A 46 -9.49 -12.74 6.19
C LYS A 46 -10.36 -11.50 6.01
N LEU A 47 -9.97 -10.66 5.07
CA LEU A 47 -10.72 -9.45 4.75
C LEU A 47 -11.57 -9.67 3.50
N PRO A 48 -12.50 -8.75 3.17
CA PRO A 48 -13.39 -8.88 2.02
C PRO A 48 -12.72 -8.40 0.72
N ASN A 49 -12.83 -9.21 -0.34
CA ASN A 49 -12.10 -8.99 -1.59
C ASN A 49 -12.27 -7.57 -2.14
N THR A 50 -13.46 -7.00 -2.04
CA THR A 50 -13.71 -5.66 -2.54
C THR A 50 -12.90 -4.62 -1.75
N VAL A 51 -12.72 -4.87 -0.47
CA VAL A 51 -11.94 -3.98 0.38
C VAL A 51 -10.46 -4.09 0.03
N LEU A 52 -10.01 -5.31 -0.24
CA LEU A 52 -8.67 -5.54 -0.75
C LEU A 52 -8.45 -4.80 -2.07
N GLY A 53 -9.51 -4.71 -2.87
CA GLY A 53 -9.42 -3.96 -4.11
C GLY A 53 -9.21 -2.49 -3.84
N LYS A 54 -9.87 -2.00 -2.80
CA LYS A 54 -9.70 -0.63 -2.34
C LYS A 54 -8.26 -0.44 -1.85
N ILE A 55 -7.81 -1.36 -0.99
CA ILE A 55 -6.46 -1.31 -0.43
C ILE A 55 -5.42 -1.25 -1.54
N TRP A 56 -5.54 -2.14 -2.52
CA TRP A 56 -4.59 -2.20 -3.62
C TRP A 56 -4.59 -0.91 -4.42
N LYS A 57 -5.77 -0.45 -4.82
CA LYS A 57 -5.86 0.70 -5.72
C LYS A 57 -5.57 2.02 -4.98
N LEU A 58 -5.49 1.94 -3.66
CA LEU A 58 -5.05 3.09 -2.85
C LEU A 58 -3.56 3.01 -2.57
N ALA A 59 -3.05 1.80 -2.34
CA ALA A 59 -1.66 1.60 -1.99
C ALA A 59 -0.76 1.67 -3.21
N ASP A 60 -1.23 1.16 -4.34
CA ASP A 60 -0.47 1.23 -5.57
C ASP A 60 -0.64 2.60 -6.20
N VAL A 61 0.21 3.53 -5.77
CA VAL A 61 0.12 4.92 -6.17
C VAL A 61 0.78 5.12 -7.53
N ASP A 62 1.80 4.32 -7.80
CA ASP A 62 2.52 4.42 -9.07
C ASP A 62 1.84 3.60 -10.14
N LYS A 63 0.84 2.82 -9.74
CA LYS A 63 -0.01 2.08 -10.66
C LYS A 63 0.80 1.14 -11.53
N ASP A 64 1.72 0.41 -10.89
CA ASP A 64 2.61 -0.46 -11.62
C ASP A 64 2.24 -1.92 -11.41
N GLY A 65 1.10 -2.15 -10.78
CA GLY A 65 0.63 -3.50 -10.54
C GLY A 65 1.50 -4.26 -9.56
N LEU A 66 2.36 -3.53 -8.87
CA LEU A 66 3.25 -4.11 -7.87
C LEU A 66 3.27 -3.22 -6.65
N LEU A 67 3.54 -3.80 -5.50
CA LEU A 67 3.68 -3.03 -4.29
C LEU A 67 5.13 -3.04 -3.86
N ASP A 68 5.78 -1.88 -3.95
CA ASP A 68 7.17 -1.77 -3.53
C ASP A 68 7.27 -1.73 -2.02
N ASP A 69 8.48 -1.53 -1.54
CA ASP A 69 8.76 -1.49 -0.11
C ASP A 69 7.86 -0.46 0.59
N GLU A 70 7.67 0.69 -0.08
CA GLU A 70 6.82 1.74 0.46
C GLU A 70 5.35 1.35 0.36
N GLU A 71 4.93 0.97 -0.85
CA GLU A 71 3.51 0.71 -1.12
C GLU A 71 3.00 -0.47 -0.29
N PHE A 72 3.82 -1.50 -0.11
CA PHE A 72 3.41 -2.65 0.66
C PHE A 72 3.40 -2.33 2.14
N ALA A 73 4.36 -1.50 2.58
CA ALA A 73 4.35 -0.99 3.94
C ALA A 73 3.04 -0.26 4.23
N LEU A 74 2.61 0.54 3.26
CA LEU A 74 1.33 1.24 3.35
C LEU A 74 0.18 0.24 3.42
N ALA A 75 0.25 -0.79 2.58
CA ALA A 75 -0.78 -1.84 2.55
C ALA A 75 -0.89 -2.51 3.92
N ASN A 76 0.24 -2.85 4.52
CA ASN A 76 0.26 -3.48 5.84
C ASN A 76 -0.31 -2.55 6.90
N HIS A 77 -0.03 -1.25 6.75
CA HIS A 77 -0.55 -0.27 7.70
C HIS A 77 -2.08 -0.23 7.61
N LEU A 78 -2.60 -0.36 6.39
CA LEU A 78 -4.02 -0.39 6.16
C LEU A 78 -4.64 -1.70 6.65
N ILE A 79 -3.92 -2.80 6.44
CA ILE A 79 -4.34 -4.10 6.96
C ILE A 79 -4.52 -4.03 8.47
N LYS A 80 -3.53 -3.45 9.15
CA LYS A 80 -3.58 -3.30 10.60
C LYS A 80 -4.74 -2.43 11.03
N VAL A 81 -4.94 -1.32 10.34
CA VAL A 81 -6.07 -0.42 10.64
C VAL A 81 -7.39 -1.15 10.54
N LYS A 82 -7.53 -1.95 9.49
CA LYS A 82 -8.74 -2.69 9.27
C LYS A 82 -8.97 -3.72 10.36
N LEU A 83 -7.92 -4.46 10.71
CA LEU A 83 -8.01 -5.50 11.72
C LEU A 83 -7.99 -4.92 13.14
N GLU A 84 -7.57 -3.66 13.25
CA GLU A 84 -7.57 -2.99 14.54
C GLU A 84 -8.97 -2.51 14.86
N GLY A 85 -9.82 -2.55 13.85
CA GLY A 85 -11.21 -2.16 14.02
C GLY A 85 -11.45 -0.70 13.69
N HIS A 86 -10.67 -0.19 12.75
CA HIS A 86 -10.83 1.18 12.30
C HIS A 86 -11.21 1.20 10.82
N GLU A 87 -11.46 2.38 10.29
CA GLU A 87 -11.87 2.53 8.90
C GLU A 87 -10.95 3.51 8.16
N LEU A 88 -10.87 3.36 6.85
CA LEU A 88 -10.06 4.25 6.04
C LEU A 88 -10.96 5.02 5.08
N PRO A 89 -10.74 6.34 4.94
CA PRO A 89 -11.58 7.21 4.13
C PRO A 89 -11.33 7.08 2.62
N ALA A 90 -10.56 6.06 2.24
CA ALA A 90 -10.21 5.80 0.85
C ALA A 90 -9.50 7.01 0.22
N ASP A 91 -8.83 7.78 1.06
CA ASP A 91 -8.12 8.96 0.60
C ASP A 91 -6.72 8.96 1.21
N LEU A 92 -5.77 9.62 0.55
CA LEU A 92 -4.40 9.62 1.01
C LEU A 92 -3.99 10.98 1.58
N PRO A 93 -3.97 11.10 2.91
CA PRO A 93 -3.46 12.31 3.60
C PRO A 93 -1.98 12.54 3.30
N PRO A 94 -1.54 13.82 3.34
CA PRO A 94 -0.16 14.21 2.98
C PRO A 94 0.92 13.41 3.73
N HIS A 95 0.65 13.09 4.99
CA HIS A 95 1.62 12.36 5.80
C HIS A 95 1.48 10.85 5.63
N LEU A 96 0.59 10.43 4.74
CA LEU A 96 0.35 9.03 4.51
C LEU A 96 0.75 8.63 3.09
N VAL A 97 1.21 9.62 2.33
CA VAL A 97 1.65 9.39 0.96
C VAL A 97 3.13 9.02 0.95
N PRO A 98 3.50 7.92 0.26
CA PRO A 98 4.90 7.48 0.13
C PRO A 98 5.82 8.62 -0.29
N PRO A 99 6.94 8.79 0.44
CA PRO A 99 7.86 9.93 0.24
C PRO A 99 8.35 10.07 -1.19
N SER A 100 8.58 8.94 -1.86
CA SER A 100 9.12 8.96 -3.22
C SER A 100 7.99 9.14 -4.24
N LYS A 101 6.76 9.21 -3.77
CA LYS A 101 5.61 9.27 -4.67
C LYS A 101 4.79 10.55 -4.47
N ARG A 102 5.37 11.54 -3.83
CA ARG A 102 4.67 12.81 -3.63
C ARG A 102 5.16 13.85 -4.65
N ARG A 103 4.26 14.71 -5.09
CA ARG A 103 4.57 15.68 -6.14
C ARG A 103 4.90 17.07 -5.58
N HIS A 104 5.12 17.99 -6.50
CA HIS A 104 5.31 19.41 -6.19
C HIS A 104 4.24 20.24 -6.89
N GLU A 105 3.74 21.26 -6.20
CA GLU A 105 2.69 22.15 -6.74
C GLU A 105 1.40 21.37 -7.00
N PHE B 1 -2.80 3.92 -22.88
CA PHE B 1 -2.91 2.44 -22.81
C PHE B 1 -2.95 1.98 -21.37
N ASN B 2 -3.60 0.84 -21.18
CA ASN B 2 -3.75 0.21 -19.88
C ASN B 2 -4.33 -1.17 -20.09
N TYR B 3 -4.32 -2.00 -19.06
CA TYR B 3 -4.93 -3.31 -19.17
C TYR B 3 -6.29 -3.30 -18.48
N GLU B 4 -7.13 -4.25 -18.84
CA GLU B 4 -8.49 -4.38 -18.30
C GLU B 4 -8.44 -4.66 -16.79
N SER B 5 -7.33 -5.21 -16.33
CA SER B 5 -7.13 -5.50 -14.94
C SER B 5 -6.31 -4.39 -14.29
N THR B 6 -6.89 -3.73 -13.30
CA THR B 6 -6.21 -2.66 -12.59
C THR B 6 -5.77 -3.14 -11.20
N GLY B 7 -5.72 -4.46 -11.04
CA GLY B 7 -5.28 -5.04 -9.79
C GLY B 7 -5.71 -6.49 -9.67
N PRO B 8 -5.03 -7.30 -8.85
CA PRO B 8 -5.36 -8.70 -8.67
C PRO B 8 -6.64 -8.90 -7.86
N PHE B 9 -7.14 -7.82 -7.29
CA PHE B 9 -8.38 -7.85 -6.52
C PHE B 9 -9.51 -7.17 -7.27
N THR B 10 -9.16 -6.39 -8.28
CA THR B 10 -10.13 -5.48 -8.89
C THR B 10 -9.84 -5.26 -10.37
N ALA B 11 -10.87 -5.38 -11.19
CA ALA B 11 -10.77 -5.12 -12.62
C ALA B 11 -11.52 -3.84 -12.96
N LYS B 12 -11.28 -3.33 -14.17
CA LYS B 12 -11.88 -2.07 -14.63
C LYS B 12 -11.51 -0.93 -13.68
N GLY A 1 12.14 24.26 -7.02
CA GLY A 1 12.29 25.06 -5.78
C GLY A 1 11.74 24.34 -4.57
N PRO A 2 12.04 24.85 -3.36
CA PRO A 2 11.54 24.28 -2.11
C PRO A 2 10.13 24.78 -1.77
N LEU A 3 9.16 24.36 -2.56
CA LEU A 3 7.77 24.81 -2.38
C LEU A 3 7.17 24.26 -1.08
N GLY A 4 7.71 23.13 -0.61
CA GLY A 4 7.20 22.50 0.59
C GLY A 4 7.67 23.19 1.85
N SER A 5 8.98 23.43 1.92
CA SER A 5 9.61 24.03 3.10
C SER A 5 9.54 23.07 4.29
N ASP A 6 8.35 22.96 4.89
CA ASP A 6 8.16 22.10 6.04
C ASP A 6 7.68 20.74 5.56
N ASP A 7 8.25 19.67 6.10
CA ASP A 7 8.00 18.33 5.58
C ASP A 7 7.28 17.46 6.62
N VAL A 8 6.31 16.69 6.15
CA VAL A 8 5.51 15.83 7.02
C VAL A 8 6.02 14.39 6.98
N GLU A 9 5.97 13.71 8.12
CA GLU A 9 6.42 12.32 8.20
C GLU A 9 5.42 11.38 7.54
N TRP A 10 5.95 10.36 6.88
CA TRP A 10 5.12 9.26 6.40
C TRP A 10 4.93 8.30 7.56
N VAL A 11 3.76 8.36 8.19
CA VAL A 11 3.50 7.65 9.46
C VAL A 11 3.63 6.13 9.32
N VAL A 12 3.75 5.66 8.10
CA VAL A 12 3.93 4.24 7.85
C VAL A 12 5.40 3.87 7.91
N GLY A 13 6.25 4.88 7.76
CA GLY A 13 7.68 4.65 7.70
C GLY A 13 8.30 4.30 9.04
N LYS A 14 7.66 4.74 10.13
CA LYS A 14 8.19 4.46 11.45
C LYS A 14 7.97 3.00 11.84
N ASP A 15 6.96 2.38 11.25
CA ASP A 15 6.67 0.98 11.54
C ASP A 15 7.11 0.11 10.37
N LYS A 16 8.19 0.52 9.72
CA LYS A 16 8.73 -0.25 8.61
C LYS A 16 9.37 -1.57 9.06
N PRO A 17 10.17 -1.60 10.17
CA PRO A 17 10.83 -2.83 10.65
C PRO A 17 9.95 -4.08 10.55
N THR A 18 8.72 -3.99 11.03
CA THR A 18 7.82 -5.13 11.03
C THR A 18 7.38 -5.49 9.61
N TYR A 19 7.03 -4.47 8.82
CA TYR A 19 6.57 -4.70 7.46
C TYR A 19 7.72 -5.16 6.59
N ASP A 20 8.94 -4.86 7.03
CA ASP A 20 10.15 -5.28 6.34
C ASP A 20 10.39 -6.76 6.56
N GLU A 21 10.22 -7.18 7.81
CA GLU A 21 10.39 -8.57 8.18
C GLU A 21 9.39 -9.44 7.42
N ILE A 22 8.24 -8.87 7.11
CA ILE A 22 7.22 -9.58 6.34
C ILE A 22 7.49 -9.47 4.83
N PHE A 23 7.74 -8.25 4.35
CA PHE A 23 7.95 -7.97 2.94
C PHE A 23 9.08 -8.82 2.35
N TYR A 24 10.12 -9.02 3.15
CA TYR A 24 11.32 -9.71 2.68
C TYR A 24 11.14 -11.22 2.69
N THR A 25 10.05 -11.69 3.29
CA THR A 25 9.77 -13.12 3.28
C THR A 25 8.76 -13.46 2.19
N LEU A 26 8.30 -12.43 1.48
CA LEU A 26 7.35 -12.60 0.40
C LEU A 26 8.06 -12.62 -0.96
N SER A 27 9.39 -12.75 -0.90
CA SER A 27 10.23 -12.78 -2.09
C SER A 27 10.18 -11.45 -2.84
N PRO A 28 10.83 -10.40 -2.29
CA PRO A 28 10.87 -9.08 -2.93
C PRO A 28 11.85 -9.03 -4.10
N VAL A 29 11.38 -8.61 -5.25
CA VAL A 29 12.22 -8.46 -6.43
C VAL A 29 12.42 -6.98 -6.75
N ASN A 30 13.66 -6.52 -6.60
CA ASN A 30 14.02 -5.13 -6.88
C ASN A 30 13.26 -4.16 -5.97
N GLY A 31 13.00 -4.59 -4.74
CA GLY A 31 12.31 -3.76 -3.77
C GLY A 31 10.82 -3.70 -4.00
N LYS A 32 10.30 -4.71 -4.70
CA LYS A 32 8.87 -4.78 -5.01
C LYS A 32 8.38 -6.21 -4.91
N ILE A 33 7.12 -6.41 -4.54
CA ILE A 33 6.51 -7.72 -4.58
C ILE A 33 5.35 -7.73 -5.57
N THR A 34 4.95 -8.90 -6.02
CA THR A 34 3.89 -9.02 -7.01
C THR A 34 2.52 -9.04 -6.32
N GLY A 35 1.47 -8.94 -7.13
CA GLY A 35 0.12 -8.98 -6.59
C GLY A 35 -0.21 -10.32 -5.96
N ALA A 36 0.54 -11.36 -6.35
CA ALA A 36 0.32 -12.70 -5.83
C ALA A 36 0.57 -12.75 -4.33
N ASN A 37 1.74 -12.28 -3.93
CA ASN A 37 2.15 -12.36 -2.53
C ASN A 37 1.33 -11.41 -1.69
N ALA A 38 1.10 -10.21 -2.21
CA ALA A 38 0.28 -9.21 -1.56
C ALA A 38 -1.14 -9.73 -1.38
N LYS A 39 -1.64 -10.45 -2.37
CA LYS A 39 -2.98 -11.02 -2.32
C LYS A 39 -3.06 -12.05 -1.21
N LYS A 40 -2.04 -12.89 -1.10
CA LYS A 40 -2.02 -13.94 -0.07
C LYS A 40 -2.11 -13.31 1.32
N GLU A 41 -1.34 -12.25 1.54
CA GLU A 41 -1.38 -11.54 2.82
C GLU A 41 -2.79 -10.97 3.06
N MET A 42 -3.33 -10.30 2.06
CA MET A 42 -4.66 -9.70 2.18
C MET A 42 -5.73 -10.77 2.40
N VAL A 43 -5.52 -11.93 1.79
CA VAL A 43 -6.42 -13.06 1.96
C VAL A 43 -6.38 -13.53 3.41
N LYS A 44 -5.23 -13.37 4.05
CA LYS A 44 -5.08 -13.77 5.45
C LYS A 44 -5.68 -12.73 6.40
N SER A 45 -5.72 -11.47 5.97
CA SER A 45 -6.30 -10.43 6.80
C SER A 45 -7.81 -10.65 6.98
N LYS A 46 -8.36 -11.53 6.14
CA LYS A 46 -9.76 -11.94 6.22
C LYS A 46 -10.69 -10.80 5.80
N LEU A 47 -10.15 -9.82 5.09
CA LEU A 47 -10.96 -8.75 4.54
C LEU A 47 -11.58 -9.21 3.22
N PRO A 48 -12.82 -8.78 2.93
CA PRO A 48 -13.50 -9.13 1.68
C PRO A 48 -12.71 -8.70 0.44
N ASN A 49 -12.84 -9.47 -0.63
CA ASN A 49 -12.15 -9.20 -1.90
C ASN A 49 -12.35 -7.76 -2.34
N THR A 50 -13.58 -7.27 -2.20
CA THR A 50 -13.93 -5.91 -2.57
C THR A 50 -13.05 -4.90 -1.82
N VAL A 51 -12.94 -5.10 -0.51
CA VAL A 51 -12.15 -4.23 0.35
C VAL A 51 -10.68 -4.29 -0.05
N LEU A 52 -10.22 -5.47 -0.42
CA LEU A 52 -8.84 -5.67 -0.83
C LEU A 52 -8.55 -4.92 -2.12
N GLY A 53 -9.54 -4.88 -3.02
CA GLY A 53 -9.40 -4.13 -4.24
C GLY A 53 -9.30 -2.65 -3.96
N LYS A 54 -10.06 -2.21 -2.96
CA LYS A 54 -9.99 -0.84 -2.49
C LYS A 54 -8.61 -0.54 -1.93
N ILE A 55 -8.11 -1.46 -1.11
CA ILE A 55 -6.80 -1.33 -0.50
C ILE A 55 -5.71 -1.25 -1.57
N TRP A 56 -5.78 -2.13 -2.56
CA TRP A 56 -4.78 -2.14 -3.63
C TRP A 56 -4.77 -0.81 -4.37
N LYS A 57 -5.95 -0.32 -4.74
CA LYS A 57 -6.07 0.93 -5.50
C LYS A 57 -5.54 2.11 -4.69
N LEU A 58 -5.54 1.98 -3.36
CA LEU A 58 -5.06 3.05 -2.49
C LEU A 58 -3.58 2.87 -2.15
N ALA A 59 -3.12 1.62 -2.11
CA ALA A 59 -1.75 1.31 -1.74
C ALA A 59 -0.83 1.40 -2.94
N ASP A 60 -1.27 0.90 -4.08
CA ASP A 60 -0.50 0.98 -5.32
C ASP A 60 -0.75 2.33 -5.97
N VAL A 61 -0.09 3.35 -5.45
CA VAL A 61 -0.33 4.73 -5.83
C VAL A 61 0.08 4.98 -7.27
N ASP A 62 1.18 4.36 -7.67
CA ASP A 62 1.71 4.53 -9.03
C ASP A 62 0.99 3.60 -10.02
N LYS A 63 0.21 2.68 -9.46
CA LYS A 63 -0.55 1.70 -10.25
C LYS A 63 0.37 0.97 -11.24
N ASP A 64 1.20 0.09 -10.73
CA ASP A 64 2.16 -0.61 -11.56
C ASP A 64 2.05 -2.12 -11.36
N GLY A 65 1.01 -2.53 -10.63
CA GLY A 65 0.77 -3.95 -10.42
C GLY A 65 1.74 -4.57 -9.44
N LEU A 66 2.65 -3.74 -8.92
CA LEU A 66 3.63 -4.20 -7.95
C LEU A 66 3.60 -3.28 -6.75
N LEU A 67 3.88 -3.84 -5.59
CA LEU A 67 3.96 -3.05 -4.39
C LEU A 67 5.41 -2.88 -3.97
N ASP A 68 5.85 -1.64 -3.92
CA ASP A 68 7.19 -1.33 -3.41
C ASP A 68 7.25 -1.60 -1.93
N ASP A 69 8.43 -1.42 -1.36
CA ASP A 69 8.59 -1.50 0.08
C ASP A 69 7.66 -0.50 0.75
N GLU A 70 7.60 0.71 0.19
CA GLU A 70 6.64 1.72 0.65
C GLU A 70 5.20 1.25 0.48
N GLU A 71 4.85 0.84 -0.74
CA GLU A 71 3.45 0.58 -1.07
C GLU A 71 2.91 -0.62 -0.29
N PHE A 72 3.75 -1.61 -0.05
CA PHE A 72 3.35 -2.76 0.75
C PHE A 72 3.21 -2.35 2.21
N ALA A 73 4.14 -1.54 2.68
CA ALA A 73 4.07 -0.99 4.03
C ALA A 73 2.76 -0.23 4.23
N LEU A 74 2.38 0.56 3.23
CA LEU A 74 1.14 1.32 3.25
C LEU A 74 -0.05 0.36 3.37
N ALA A 75 -0.08 -0.65 2.51
CA ALA A 75 -1.16 -1.64 2.52
C ALA A 75 -1.24 -2.33 3.87
N ASN A 76 -0.09 -2.72 4.40
CA ASN A 76 -0.01 -3.40 5.69
C ASN A 76 -0.52 -2.49 6.81
N HIS A 77 -0.28 -1.20 6.66
CA HIS A 77 -0.71 -0.23 7.66
C HIS A 77 -2.23 -0.08 7.63
N LEU A 78 -2.80 -0.16 6.43
CA LEU A 78 -4.26 -0.11 6.27
C LEU A 78 -4.89 -1.38 6.84
N ILE A 79 -4.24 -2.52 6.60
CA ILE A 79 -4.67 -3.78 7.20
C ILE A 79 -4.68 -3.65 8.72
N LYS A 80 -3.66 -3.00 9.25
CA LYS A 80 -3.57 -2.75 10.69
C LYS A 80 -4.78 -1.96 11.16
N VAL A 81 -5.09 -0.88 10.46
CA VAL A 81 -6.27 -0.05 10.78
C VAL A 81 -7.54 -0.90 10.85
N LYS A 82 -7.69 -1.84 9.93
CA LYS A 82 -8.85 -2.72 9.92
C LYS A 82 -8.83 -3.70 11.09
N LEU A 83 -7.64 -4.13 11.49
CA LEU A 83 -7.50 -4.99 12.66
C LEU A 83 -7.77 -4.20 13.93
N GLU A 84 -7.46 -2.91 13.88
CA GLU A 84 -7.73 -1.99 14.96
C GLU A 84 -9.23 -1.79 15.13
N GLY A 85 -9.97 -2.00 14.04
CA GLY A 85 -11.39 -1.77 14.07
C GLY A 85 -11.75 -0.36 13.65
N HIS A 86 -10.99 0.18 12.71
CA HIS A 86 -11.26 1.51 12.19
C HIS A 86 -11.54 1.45 10.69
N GLU A 87 -12.10 2.52 10.16
CA GLU A 87 -12.52 2.53 8.77
C GLU A 87 -11.64 3.46 7.95
N LEU A 88 -11.67 3.28 6.64
CA LEU A 88 -10.95 4.14 5.72
C LEU A 88 -11.91 4.72 4.69
N PRO A 89 -11.81 6.03 4.41
CA PRO A 89 -12.73 6.73 3.51
C PRO A 89 -12.52 6.41 2.03
N ALA A 90 -11.50 5.58 1.76
CA ALA A 90 -11.11 5.24 0.38
C ALA A 90 -10.49 6.45 -0.30
N ASP A 91 -10.05 7.41 0.50
CA ASP A 91 -9.34 8.59 0.01
C ASP A 91 -7.95 8.60 0.62
N LEU A 92 -7.02 9.28 -0.04
CA LEU A 92 -5.64 9.32 0.42
C LEU A 92 -5.27 10.69 0.97
N PRO A 93 -5.18 10.80 2.31
CA PRO A 93 -4.66 12.00 2.97
C PRO A 93 -3.27 12.37 2.47
N PRO A 94 -2.97 13.68 2.42
CA PRO A 94 -1.71 14.20 1.83
C PRO A 94 -0.45 13.83 2.62
N HIS A 95 -0.60 13.04 3.68
CA HIS A 95 0.55 12.59 4.46
C HIS A 95 0.69 11.07 4.39
N LEU A 96 -0.12 10.44 3.55
CA LEU A 96 -0.06 8.98 3.39
C LEU A 96 0.55 8.60 2.06
N VAL A 97 0.92 9.59 1.28
CA VAL A 97 1.63 9.36 0.03
C VAL A 97 3.10 9.04 0.30
N PRO A 98 3.54 7.84 -0.14
CA PRO A 98 4.92 7.39 0.07
C PRO A 98 5.94 8.40 -0.44
N PRO A 99 7.12 8.47 0.20
CA PRO A 99 8.17 9.43 -0.16
C PRO A 99 8.57 9.33 -1.63
N SER A 100 8.38 8.14 -2.22
CA SER A 100 8.73 7.91 -3.60
C SER A 100 7.56 8.22 -4.55
N LYS A 101 6.36 8.39 -3.99
CA LYS A 101 5.16 8.65 -4.79
C LYS A 101 4.63 10.06 -4.59
N ARG A 102 5.10 10.74 -3.55
CA ARG A 102 4.63 12.08 -3.26
C ARG A 102 5.24 13.08 -4.22
N ARG A 103 4.45 14.08 -4.60
CA ARG A 103 4.91 15.07 -5.57
C ARG A 103 5.61 16.22 -4.87
N HIS A 104 6.93 16.19 -4.88
CA HIS A 104 7.72 17.28 -4.34
C HIS A 104 8.35 18.06 -5.49
N GLU A 105 7.74 19.18 -5.85
CA GLU A 105 8.20 20.01 -6.97
C GLU A 105 8.06 19.26 -8.28
N PHE B 1 -18.59 -7.65 -18.78
CA PHE B 1 -18.07 -7.70 -20.16
C PHE B 1 -16.92 -6.71 -20.34
N ASN B 2 -17.03 -5.55 -19.70
CA ASN B 2 -16.00 -4.53 -19.82
C ASN B 2 -14.81 -4.89 -18.93
N TYR B 3 -13.78 -5.45 -19.53
CA TYR B 3 -12.57 -5.80 -18.80
C TYR B 3 -11.58 -4.64 -18.91
N GLU B 4 -11.00 -4.27 -17.78
CA GLU B 4 -9.94 -3.26 -17.76
C GLU B 4 -8.84 -3.69 -16.80
N SER B 5 -9.26 -4.24 -15.65
CA SER B 5 -8.33 -4.80 -14.66
C SER B 5 -7.51 -3.69 -13.99
N THR B 6 -7.76 -3.49 -12.71
CA THR B 6 -7.09 -2.45 -11.96
C THR B 6 -6.18 -3.06 -10.90
N GLY B 7 -6.14 -4.38 -10.86
CA GLY B 7 -5.29 -5.07 -9.91
C GLY B 7 -5.58 -6.55 -9.85
N PRO B 8 -4.91 -7.28 -8.95
CA PRO B 8 -5.10 -8.73 -8.81
C PRO B 8 -6.44 -9.08 -8.16
N PHE B 9 -7.19 -8.05 -7.79
CA PHE B 9 -8.48 -8.23 -7.14
C PHE B 9 -9.64 -8.00 -8.12
N THR B 10 -9.29 -7.71 -9.37
CA THR B 10 -10.29 -7.57 -10.41
C THR B 10 -10.22 -8.75 -11.38
N ALA B 11 -9.70 -9.86 -10.88
CA ALA B 11 -9.61 -11.08 -11.66
C ALA B 11 -10.40 -12.20 -10.98
N LYS B 12 -9.86 -12.73 -9.89
CA LYS B 12 -10.56 -13.70 -9.06
C LYS B 12 -10.62 -13.21 -7.63
N GLY A 1 15.63 33.92 2.52
CA GLY A 1 15.12 32.78 1.73
C GLY A 1 14.39 31.78 2.60
N PRO A 2 13.26 31.23 2.12
CA PRO A 2 12.49 30.24 2.86
C PRO A 2 13.26 28.93 3.06
N LEU A 3 13.46 28.56 4.32
CA LEU A 3 14.21 27.35 4.65
C LEU A 3 13.28 26.25 5.15
N GLY A 4 11.99 26.56 5.25
CA GLY A 4 11.03 25.59 5.73
C GLY A 4 10.52 24.70 4.61
N SER A 5 9.96 23.56 4.98
CA SER A 5 9.45 22.62 4.00
C SER A 5 8.17 21.96 4.52
N ASP A 6 7.22 21.73 3.62
CA ASP A 6 6.00 21.01 3.98
C ASP A 6 6.27 19.53 4.03
N ASP A 7 6.61 19.05 5.22
CA ASP A 7 6.95 17.65 5.41
C ASP A 7 5.97 16.98 6.35
N VAL A 8 5.40 15.88 5.91
CA VAL A 8 4.53 15.09 6.74
C VAL A 8 5.21 13.77 7.08
N GLU A 9 5.30 13.47 8.36
CA GLU A 9 5.88 12.22 8.81
C GLU A 9 4.99 11.07 8.37
N TRP A 10 5.54 10.16 7.60
CA TRP A 10 4.76 9.07 7.06
C TRP A 10 4.40 8.10 8.17
N VAL A 11 3.14 8.12 8.56
CA VAL A 11 2.66 7.28 9.67
C VAL A 11 2.73 5.80 9.33
N VAL A 12 3.18 5.49 8.12
CA VAL A 12 3.42 4.11 7.73
C VAL A 12 4.90 3.77 7.89
N GLY A 13 5.74 4.81 7.86
CA GLY A 13 7.17 4.62 7.97
C GLY A 13 7.60 4.26 9.38
N LYS A 14 6.76 4.58 10.35
CA LYS A 14 7.03 4.27 11.74
C LYS A 14 6.83 2.78 12.01
N ASP A 15 5.98 2.16 11.20
CA ASP A 15 5.74 0.72 11.31
C ASP A 15 6.50 -0.01 10.21
N LYS A 16 7.66 0.52 9.79
CA LYS A 16 8.42 -0.10 8.72
C LYS A 16 9.10 -1.40 9.17
N PRO A 17 9.85 -1.41 10.30
CA PRO A 17 10.58 -2.61 10.76
C PRO A 17 9.74 -3.88 10.65
N THR A 18 8.47 -3.77 11.04
CA THR A 18 7.57 -4.90 10.98
C THR A 18 7.23 -5.28 9.54
N TYR A 19 6.94 -4.27 8.71
CA TYR A 19 6.51 -4.53 7.35
C TYR A 19 7.69 -4.91 6.48
N ASP A 20 8.90 -4.53 6.89
CA ASP A 20 10.12 -4.92 6.18
C ASP A 20 10.39 -6.39 6.48
N GLU A 21 10.26 -6.73 7.76
CA GLU A 21 10.45 -8.10 8.23
C GLU A 21 9.56 -9.05 7.43
N ILE A 22 8.33 -8.64 7.19
CA ILE A 22 7.37 -9.45 6.46
C ILE A 22 7.60 -9.36 4.95
N PHE A 23 7.76 -8.14 4.45
CA PHE A 23 7.91 -7.88 3.02
C PHE A 23 9.01 -8.73 2.39
N TYR A 24 10.09 -8.95 3.12
CA TYR A 24 11.24 -9.64 2.56
C TYR A 24 11.01 -11.15 2.51
N THR A 25 10.02 -11.63 3.26
CA THR A 25 9.72 -13.06 3.28
C THR A 25 8.78 -13.42 2.14
N LEU A 26 8.28 -12.39 1.46
CA LEU A 26 7.37 -12.57 0.33
C LEU A 26 8.15 -12.54 -0.98
N SER A 27 9.47 -12.78 -0.87
CA SER A 27 10.39 -12.75 -2.01
C SER A 27 10.22 -11.47 -2.85
N PRO A 28 10.83 -10.38 -2.41
CA PRO A 28 10.72 -9.09 -3.08
C PRO A 28 11.72 -8.93 -4.21
N VAL A 29 11.21 -8.78 -5.42
CA VAL A 29 12.05 -8.58 -6.58
C VAL A 29 12.30 -7.09 -6.79
N ASN A 30 13.57 -6.70 -6.61
CA ASN A 30 14.00 -5.31 -6.78
C ASN A 30 13.32 -4.39 -5.77
N GLY A 31 12.97 -4.93 -4.61
CA GLY A 31 12.32 -4.15 -3.58
C GLY A 31 10.83 -3.99 -3.82
N LYS A 32 10.27 -4.92 -4.57
CA LYS A 32 8.86 -4.89 -4.93
C LYS A 32 8.32 -6.31 -4.95
N ILE A 33 7.11 -6.50 -4.49
CA ILE A 33 6.50 -7.82 -4.51
C ILE A 33 5.39 -7.90 -5.54
N THR A 34 5.13 -9.10 -6.02
CA THR A 34 4.12 -9.35 -7.01
C THR A 34 2.73 -9.35 -6.40
N GLY A 35 1.72 -9.17 -7.24
CA GLY A 35 0.35 -9.16 -6.78
C GLY A 35 -0.05 -10.49 -6.18
N ALA A 36 0.66 -11.54 -6.56
CA ALA A 36 0.40 -12.89 -6.04
C ALA A 36 0.62 -12.95 -4.53
N ASN A 37 1.73 -12.41 -4.07
CA ASN A 37 2.10 -12.49 -2.67
C ASN A 37 1.37 -11.42 -1.85
N ALA A 38 1.11 -10.29 -2.49
CA ALA A 38 0.30 -9.25 -1.87
C ALA A 38 -1.11 -9.79 -1.65
N LYS A 39 -1.64 -10.45 -2.69
CA LYS A 39 -2.94 -11.10 -2.63
C LYS A 39 -2.97 -12.11 -1.49
N LYS A 40 -1.83 -12.79 -1.31
CA LYS A 40 -1.67 -13.76 -0.24
C LYS A 40 -1.93 -13.11 1.11
N GLU A 41 -1.18 -12.06 1.42
CA GLU A 41 -1.29 -11.38 2.71
C GLU A 41 -2.68 -10.74 2.90
N MET A 42 -3.19 -10.17 1.82
CA MET A 42 -4.52 -9.56 1.86
C MET A 42 -5.58 -10.62 2.10
N VAL A 43 -5.30 -11.83 1.65
CA VAL A 43 -6.17 -12.96 1.90
C VAL A 43 -6.04 -13.43 3.35
N LYS A 44 -4.86 -13.20 3.93
CA LYS A 44 -4.58 -13.52 5.32
C LYS A 44 -5.37 -12.62 6.26
N SER A 45 -5.67 -11.42 5.80
CA SER A 45 -6.35 -10.43 6.63
C SER A 45 -7.83 -10.78 6.84
N LYS A 46 -8.33 -11.70 6.00
CA LYS A 46 -9.72 -12.16 6.07
C LYS A 46 -10.70 -11.05 5.72
N LEU A 47 -10.20 -9.99 5.09
CA LEU A 47 -11.03 -8.86 4.70
C LEU A 47 -11.72 -9.12 3.37
N PRO A 48 -12.92 -8.53 3.17
CA PRO A 48 -13.70 -8.68 1.94
C PRO A 48 -12.91 -8.29 0.69
N ASN A 49 -13.20 -8.96 -0.43
CA ASN A 49 -12.44 -8.78 -1.66
C ASN A 49 -12.53 -7.35 -2.17
N THR A 50 -13.69 -6.72 -2.00
CA THR A 50 -13.87 -5.34 -2.42
C THR A 50 -12.97 -4.40 -1.60
N VAL A 51 -12.80 -4.73 -0.32
CA VAL A 51 -11.95 -3.95 0.55
C VAL A 51 -10.49 -4.16 0.19
N LEU A 52 -10.16 -5.39 -0.17
CA LEU A 52 -8.81 -5.71 -0.61
C LEU A 52 -8.47 -4.92 -1.86
N GLY A 53 -9.45 -4.77 -2.75
CA GLY A 53 -9.26 -4.00 -3.96
C GLY A 53 -9.10 -2.53 -3.65
N LYS A 54 -9.88 -2.04 -2.69
CA LYS A 54 -9.79 -0.68 -2.20
C LYS A 54 -8.39 -0.39 -1.67
N ILE A 55 -7.89 -1.29 -0.85
CA ILE A 55 -6.58 -1.13 -0.23
C ILE A 55 -5.48 -1.14 -1.28
N TRP A 56 -5.59 -2.03 -2.27
CA TRP A 56 -4.63 -2.05 -3.37
C TRP A 56 -4.68 -0.72 -4.13
N LYS A 57 -5.90 -0.26 -4.41
CA LYS A 57 -6.13 0.99 -5.14
C LYS A 57 -5.48 2.18 -4.42
N LEU A 58 -5.35 2.09 -3.11
CA LEU A 58 -4.73 3.17 -2.34
C LEU A 58 -3.23 2.93 -2.16
N ALA A 59 -2.84 1.67 -2.01
CA ALA A 59 -1.46 1.32 -1.74
C ALA A 59 -0.60 1.44 -3.00
N ASP A 60 -1.12 0.98 -4.13
CA ASP A 60 -0.40 1.07 -5.38
C ASP A 60 -0.67 2.42 -6.03
N VAL A 61 -0.04 3.45 -5.47
CA VAL A 61 -0.26 4.83 -5.88
C VAL A 61 0.15 5.06 -7.33
N ASP A 62 1.27 4.47 -7.72
CA ASP A 62 1.78 4.65 -9.07
C ASP A 62 1.13 3.70 -10.07
N LYS A 63 0.34 2.77 -9.55
CA LYS A 63 -0.39 1.80 -10.39
C LYS A 63 0.55 1.03 -11.31
N ASP A 64 1.30 0.08 -10.74
CA ASP A 64 2.27 -0.67 -11.51
C ASP A 64 2.10 -2.17 -11.31
N GLY A 65 1.01 -2.54 -10.63
CA GLY A 65 0.69 -3.95 -10.43
C GLY A 65 1.65 -4.64 -9.48
N LEU A 66 2.63 -3.91 -8.99
CA LEU A 66 3.59 -4.42 -8.02
C LEU A 66 3.68 -3.47 -6.85
N LEU A 67 3.71 -4.02 -5.65
CA LEU A 67 3.81 -3.19 -4.47
C LEU A 67 5.28 -2.97 -4.13
N ASP A 68 5.69 -1.71 -4.07
CA ASP A 68 7.03 -1.37 -3.62
C ASP A 68 7.12 -1.67 -2.12
N ASP A 69 8.30 -1.54 -1.56
CA ASP A 69 8.47 -1.66 -0.11
C ASP A 69 7.54 -0.68 0.61
N GLU A 70 7.46 0.53 0.08
CA GLU A 70 6.60 1.55 0.67
C GLU A 70 5.13 1.26 0.42
N GLU A 71 4.79 0.80 -0.79
CA GLU A 71 3.39 0.57 -1.13
C GLU A 71 2.82 -0.62 -0.36
N PHE A 72 3.61 -1.67 -0.20
CA PHE A 72 3.20 -2.82 0.58
C PHE A 72 3.08 -2.44 2.04
N ALA A 73 3.99 -1.58 2.51
CA ALA A 73 3.93 -1.07 3.86
C ALA A 73 2.60 -0.36 4.10
N LEU A 74 2.20 0.46 3.12
CA LEU A 74 0.94 1.19 3.20
C LEU A 74 -0.23 0.20 3.32
N ALA A 75 -0.24 -0.80 2.45
CA ALA A 75 -1.28 -1.82 2.45
C ALA A 75 -1.34 -2.54 3.80
N ASN A 76 -0.18 -2.98 4.28
CA ASN A 76 -0.08 -3.67 5.56
C ASN A 76 -0.50 -2.77 6.70
N HIS A 77 -0.24 -1.47 6.56
CA HIS A 77 -0.60 -0.52 7.60
C HIS A 77 -2.12 -0.43 7.71
N LEU A 78 -2.81 -0.44 6.57
CA LEU A 78 -4.27 -0.42 6.57
C LEU A 78 -4.83 -1.70 7.18
N ILE A 79 -4.18 -2.82 6.87
CA ILE A 79 -4.56 -4.10 7.47
C ILE A 79 -4.40 -4.04 9.00
N LYS A 80 -3.22 -3.62 9.43
CA LYS A 80 -2.86 -3.60 10.84
C LYS A 80 -3.74 -2.62 11.61
N VAL A 81 -4.03 -1.46 11.01
CA VAL A 81 -4.81 -0.42 11.66
C VAL A 81 -6.28 -0.84 11.81
N LYS A 82 -6.86 -1.40 10.75
CA LYS A 82 -8.23 -1.89 10.80
C LYS A 82 -8.36 -2.99 11.85
N LEU A 83 -7.42 -3.93 11.85
CA LEU A 83 -7.45 -5.04 12.81
C LEU A 83 -7.05 -4.58 14.21
N GLU A 84 -6.45 -3.40 14.28
CA GLU A 84 -6.09 -2.80 15.54
C GLU A 84 -7.31 -2.13 16.17
N GLY A 85 -8.44 -2.24 15.48
CA GLY A 85 -9.70 -1.74 16.01
C GLY A 85 -9.98 -0.32 15.60
N HIS A 86 -9.27 0.16 14.59
CA HIS A 86 -9.46 1.52 14.10
C HIS A 86 -10.20 1.51 12.77
N GLU A 87 -10.79 2.63 12.41
CA GLU A 87 -11.52 2.74 11.16
C GLU A 87 -10.62 3.36 10.09
N LEU A 88 -10.86 2.97 8.85
CA LEU A 88 -10.13 3.52 7.72
C LEU A 88 -11.08 4.31 6.82
N PRO A 89 -10.61 5.42 6.24
CA PRO A 89 -11.45 6.29 5.43
C PRO A 89 -11.78 5.71 4.06
N ALA A 90 -11.07 4.63 3.70
CA ALA A 90 -11.18 4.01 2.38
C ALA A 90 -10.74 4.98 1.29
N ASP A 91 -10.01 6.00 1.71
CA ASP A 91 -9.41 6.99 0.82
C ASP A 91 -7.98 7.21 1.24
N LEU A 92 -7.25 8.02 0.49
CA LEU A 92 -5.85 8.26 0.79
C LEU A 92 -5.63 9.71 1.23
N PRO A 93 -5.53 9.94 2.56
CA PRO A 93 -5.24 11.27 3.13
C PRO A 93 -3.92 11.85 2.63
N PRO A 94 -3.83 13.20 2.58
CA PRO A 94 -2.66 13.91 2.04
C PRO A 94 -1.35 13.56 2.76
N HIS A 95 -1.43 13.20 4.04
CA HIS A 95 -0.24 12.89 4.82
C HIS A 95 0.09 11.40 4.74
N LEU A 96 -0.67 10.66 3.94
CA LEU A 96 -0.50 9.23 3.85
C LEU A 96 0.21 8.88 2.54
N VAL A 97 0.47 9.90 1.72
CA VAL A 97 1.18 9.72 0.47
C VAL A 97 2.66 9.46 0.74
N PRO A 98 3.19 8.35 0.18
CA PRO A 98 4.62 8.01 0.30
C PRO A 98 5.51 9.20 -0.01
N PRO A 99 6.56 9.42 0.81
CA PRO A 99 7.44 10.58 0.70
C PRO A 99 8.15 10.66 -0.65
N SER A 100 8.14 9.55 -1.38
CA SER A 100 8.79 9.47 -2.67
C SER A 100 7.84 9.85 -3.80
N LYS A 101 6.54 9.76 -3.55
CA LYS A 101 5.54 9.93 -4.59
C LYS A 101 4.61 11.11 -4.29
N ARG A 102 5.08 12.04 -3.47
CA ARG A 102 4.28 13.20 -3.09
C ARG A 102 4.41 14.34 -4.09
N ARG A 103 3.29 14.91 -4.50
CA ARG A 103 3.28 16.03 -5.43
C ARG A 103 2.89 17.31 -4.70
N HIS A 104 3.36 18.45 -5.18
CA HIS A 104 3.01 19.73 -4.58
C HIS A 104 2.62 20.72 -5.66
N GLU A 105 1.55 21.47 -5.39
CA GLU A 105 1.06 22.54 -6.27
C GLU A 105 0.44 21.98 -7.54
N PHE B 1 -2.76 0.09 -27.86
CA PHE B 1 -1.80 -0.29 -26.80
C PHE B 1 -2.13 -1.67 -26.24
N ASN B 2 -1.39 -2.08 -25.22
CA ASN B 2 -1.70 -3.32 -24.52
C ASN B 2 -2.71 -3.04 -23.42
N TYR B 3 -3.29 -4.09 -22.85
CA TYR B 3 -4.20 -3.91 -21.73
C TYR B 3 -3.71 -4.73 -20.55
N GLU B 4 -3.20 -4.03 -19.54
CA GLU B 4 -2.68 -4.66 -18.35
C GLU B 4 -3.76 -4.72 -17.26
N SER B 5 -3.60 -5.65 -16.34
CA SER B 5 -4.58 -5.89 -15.29
C SER B 5 -4.76 -4.67 -14.38
N THR B 6 -5.97 -4.54 -13.83
CA THR B 6 -6.30 -3.41 -12.98
C THR B 6 -6.03 -3.74 -11.51
N GLY B 7 -5.52 -4.94 -11.27
CA GLY B 7 -5.22 -5.38 -9.93
C GLY B 7 -5.51 -6.85 -9.75
N PRO B 8 -4.88 -7.50 -8.75
CA PRO B 8 -5.05 -8.92 -8.48
C PRO B 8 -6.33 -9.23 -7.69
N PHE B 9 -7.06 -8.18 -7.35
CA PHE B 9 -8.28 -8.32 -6.56
C PHE B 9 -9.52 -8.09 -7.42
N THR B 10 -9.60 -6.91 -8.01
CA THR B 10 -10.78 -6.51 -8.76
C THR B 10 -10.78 -7.12 -10.16
N ALA B 11 -11.97 -7.29 -10.71
CA ALA B 11 -12.14 -7.84 -12.04
C ALA B 11 -13.35 -7.22 -12.71
N LYS B 12 -13.39 -7.28 -14.03
CA LYS B 12 -14.49 -6.69 -14.78
C LYS B 12 -15.43 -7.78 -15.28
N GLY A 1 2.73 30.25 4.72
CA GLY A 1 2.27 31.22 3.70
C GLY A 1 1.98 30.53 2.38
N PRO A 2 2.14 31.25 1.24
CA PRO A 2 1.85 30.71 -0.09
C PRO A 2 2.93 29.76 -0.60
N LEU A 3 3.85 29.38 0.27
CA LEU A 3 4.91 28.46 -0.09
C LEU A 3 4.90 27.25 0.85
N GLY A 4 4.19 26.22 0.43
CA GLY A 4 4.04 25.04 1.25
C GLY A 4 5.07 23.97 0.93
N SER A 5 6.34 24.33 1.03
CA SER A 5 7.43 23.41 0.73
C SER A 5 7.81 22.60 1.97
N ASP A 6 6.85 22.43 2.87
CA ASP A 6 7.09 21.71 4.11
C ASP A 6 6.86 20.21 3.92
N ASP A 7 7.93 19.44 4.02
CA ASP A 7 7.85 18.00 3.85
C ASP A 7 7.24 17.35 5.10
N VAL A 8 6.21 16.54 4.90
CA VAL A 8 5.54 15.86 6.01
C VAL A 8 6.05 14.44 6.17
N GLU A 9 6.35 14.06 7.40
CA GLU A 9 6.89 12.74 7.67
C GLU A 9 5.87 11.65 7.37
N TRP A 10 6.36 10.50 6.94
CA TRP A 10 5.49 9.38 6.58
C TRP A 10 5.19 8.56 7.84
N VAL A 11 3.97 8.71 8.35
CA VAL A 11 3.55 8.03 9.58
C VAL A 11 3.53 6.51 9.41
N VAL A 12 3.64 6.05 8.18
CA VAL A 12 3.69 4.63 7.87
C VAL A 12 5.10 4.09 8.09
N GLY A 13 6.06 5.01 8.16
CA GLY A 13 7.44 4.62 8.32
C GLY A 13 7.76 4.16 9.72
N LYS A 14 6.83 4.38 10.65
CA LYS A 14 7.06 3.98 12.03
C LYS A 14 6.74 2.50 12.20
N ASP A 15 5.81 1.99 11.38
CA ASP A 15 5.46 0.58 11.41
C ASP A 15 6.03 -0.08 10.18
N LYS A 16 7.15 0.43 9.71
CA LYS A 16 7.68 -0.01 8.44
C LYS A 16 8.66 -1.16 8.58
N PRO A 17 9.72 -1.05 9.43
CA PRO A 17 10.73 -2.11 9.59
C PRO A 17 10.12 -3.49 9.76
N THR A 18 9.04 -3.57 10.50
CA THR A 18 8.35 -4.83 10.76
C THR A 18 7.67 -5.33 9.49
N TYR A 19 7.03 -4.42 8.77
CA TYR A 19 6.35 -4.79 7.53
C TYR A 19 7.36 -5.11 6.45
N ASP A 20 8.57 -4.56 6.60
CA ASP A 20 9.66 -4.84 5.67
C ASP A 20 10.16 -6.26 5.87
N GLU A 21 10.18 -6.70 7.13
CA GLU A 21 10.57 -8.06 7.46
C GLU A 21 9.57 -9.06 6.90
N ILE A 22 8.29 -8.72 7.00
CA ILE A 22 7.24 -9.53 6.42
C ILE A 22 7.30 -9.46 4.90
N PHE A 23 7.62 -8.28 4.40
CA PHE A 23 7.79 -8.04 2.97
C PHE A 23 8.89 -8.92 2.40
N TYR A 24 9.95 -9.15 3.17
CA TYR A 24 11.08 -9.95 2.72
C TYR A 24 10.71 -11.43 2.71
N THR A 25 9.73 -11.81 3.51
CA THR A 25 9.32 -13.21 3.60
C THR A 25 8.24 -13.52 2.56
N LEU A 26 7.95 -12.56 1.70
CA LEU A 26 7.03 -12.78 0.59
C LEU A 26 7.80 -12.90 -0.72
N SER A 27 9.13 -12.90 -0.59
CA SER A 27 10.03 -13.04 -1.74
C SER A 27 9.94 -11.83 -2.66
N PRO A 28 10.67 -10.76 -2.32
CA PRO A 28 10.68 -9.51 -3.10
C PRO A 28 11.81 -9.46 -4.11
N VAL A 29 11.49 -8.95 -5.31
CA VAL A 29 12.49 -8.73 -6.35
C VAL A 29 12.53 -7.24 -6.70
N ASN A 30 13.74 -6.68 -6.80
CA ASN A 30 13.90 -5.25 -7.06
C ASN A 30 13.23 -4.41 -5.98
N GLY A 31 13.20 -4.94 -4.76
CA GLY A 31 12.61 -4.22 -3.64
C GLY A 31 11.11 -4.10 -3.75
N LYS A 32 10.50 -5.02 -4.46
CA LYS A 32 9.04 -5.02 -4.64
C LYS A 32 8.51 -6.43 -4.87
N ILE A 33 7.31 -6.68 -4.37
CA ILE A 33 6.66 -7.96 -4.57
C ILE A 33 5.50 -7.80 -5.55
N THR A 34 5.31 -8.79 -6.39
CA THR A 34 4.21 -8.76 -7.34
C THR A 34 2.87 -8.80 -6.59
N GLY A 35 1.80 -8.41 -7.27
CA GLY A 35 0.50 -8.37 -6.65
C GLY A 35 0.04 -9.74 -6.21
N ALA A 36 0.74 -10.77 -6.67
CA ALA A 36 0.41 -12.14 -6.31
C ALA A 36 0.69 -12.40 -4.83
N ASN A 37 1.89 -12.03 -4.41
CA ASN A 37 2.31 -12.25 -3.04
C ASN A 37 1.60 -11.30 -2.09
N ALA A 38 1.42 -10.07 -2.56
CA ALA A 38 0.69 -9.06 -1.80
C ALA A 38 -0.76 -9.51 -1.59
N LYS A 39 -1.34 -10.07 -2.64
CA LYS A 39 -2.70 -10.61 -2.56
C LYS A 39 -2.77 -11.70 -1.50
N LYS A 40 -1.76 -12.56 -1.48
CA LYS A 40 -1.70 -13.65 -0.50
C LYS A 40 -1.73 -13.09 0.92
N GLU A 41 -0.99 -12.01 1.17
CA GLU A 41 -0.96 -11.39 2.50
C GLU A 41 -2.32 -10.78 2.83
N MET A 42 -2.89 -10.08 1.88
CA MET A 42 -4.12 -9.35 2.11
C MET A 42 -5.32 -10.28 2.22
N VAL A 43 -5.21 -11.50 1.67
CA VAL A 43 -6.23 -12.50 1.90
C VAL A 43 -5.93 -13.26 3.19
N LYS A 44 -4.73 -13.08 3.75
CA LYS A 44 -4.41 -13.60 5.08
C LYS A 44 -5.04 -12.72 6.15
N SER A 45 -5.27 -11.45 5.82
CA SER A 45 -6.01 -10.57 6.70
C SER A 45 -7.50 -10.92 6.66
N LYS A 46 -7.87 -11.76 5.69
CA LYS A 46 -9.20 -12.39 5.62
C LYS A 46 -10.31 -11.36 5.39
N LEU A 47 -9.96 -10.22 4.80
CA LEU A 47 -10.92 -9.17 4.53
C LEU A 47 -11.65 -9.44 3.20
N PRO A 48 -12.81 -8.78 2.99
CA PRO A 48 -13.58 -8.91 1.74
C PRO A 48 -12.78 -8.54 0.49
N ASN A 49 -12.99 -9.29 -0.59
CA ASN A 49 -12.22 -9.12 -1.83
C ASN A 49 -12.36 -7.71 -2.39
N THR A 50 -13.58 -7.20 -2.38
CA THR A 50 -13.86 -5.88 -2.90
C THR A 50 -13.14 -4.79 -2.09
N VAL A 51 -13.19 -4.93 -0.77
CA VAL A 51 -12.53 -3.99 0.11
C VAL A 51 -11.02 -4.06 -0.08
N LEU A 52 -10.50 -5.28 -0.24
CA LEU A 52 -9.08 -5.48 -0.52
C LEU A 52 -8.67 -4.77 -1.81
N GLY A 53 -9.54 -4.80 -2.80
CA GLY A 53 -9.27 -4.13 -4.06
C GLY A 53 -9.24 -2.62 -3.90
N LYS A 54 -10.12 -2.09 -3.06
CA LYS A 54 -10.09 -0.66 -2.75
C LYS A 54 -8.80 -0.30 -2.04
N ILE A 55 -8.41 -1.15 -1.09
CA ILE A 55 -7.16 -0.97 -0.38
C ILE A 55 -5.99 -1.07 -1.36
N TRP A 56 -6.11 -1.94 -2.36
CA TRP A 56 -5.10 -2.06 -3.40
C TRP A 56 -4.88 -0.71 -4.08
N LYS A 57 -5.96 -0.12 -4.58
CA LYS A 57 -5.87 1.13 -5.32
C LYS A 57 -5.48 2.29 -4.39
N LEU A 58 -5.61 2.07 -3.09
CA LEU A 58 -5.24 3.07 -2.12
C LEU A 58 -3.75 2.92 -1.75
N ALA A 59 -3.26 1.68 -1.79
CA ALA A 59 -1.86 1.41 -1.44
C ALA A 59 -0.95 1.53 -2.66
N ASP A 60 -1.40 1.00 -3.80
CA ASP A 60 -0.62 1.07 -5.02
C ASP A 60 -0.84 2.41 -5.71
N VAL A 61 0.12 3.30 -5.51
CA VAL A 61 0.01 4.67 -5.99
C VAL A 61 0.42 4.76 -7.46
N ASP A 62 1.52 4.09 -7.79
CA ASP A 62 2.09 4.20 -9.13
C ASP A 62 1.40 3.29 -10.13
N LYS A 63 0.56 2.41 -9.63
CA LYS A 63 -0.21 1.47 -10.46
C LYS A 63 0.69 0.61 -11.31
N ASP A 64 1.35 -0.34 -10.66
CA ASP A 64 2.19 -1.31 -11.35
C ASP A 64 1.72 -2.72 -11.06
N GLY A 65 0.54 -2.82 -10.44
CA GLY A 65 -0.06 -4.11 -10.15
C GLY A 65 0.77 -4.92 -9.19
N LEU A 66 1.66 -4.23 -8.49
CA LEU A 66 2.54 -4.86 -7.53
C LEU A 66 2.95 -3.81 -6.49
N LEU A 67 3.53 -4.25 -5.38
CA LEU A 67 3.83 -3.33 -4.29
C LEU A 67 5.29 -3.42 -3.89
N ASP A 68 5.99 -2.28 -3.92
CA ASP A 68 7.33 -2.21 -3.38
C ASP A 68 7.25 -2.07 -1.86
N ASP A 69 8.39 -1.93 -1.21
CA ASP A 69 8.42 -1.91 0.25
C ASP A 69 7.63 -0.72 0.80
N GLU A 70 7.56 0.38 0.05
CA GLU A 70 6.79 1.54 0.48
C GLU A 70 5.30 1.23 0.39
N GLU A 71 4.86 0.83 -0.80
CA GLU A 71 3.44 0.61 -1.05
C GLU A 71 2.91 -0.56 -0.21
N PHE A 72 3.77 -1.55 0.01
CA PHE A 72 3.38 -2.70 0.83
C PHE A 72 3.23 -2.28 2.29
N ALA A 73 4.16 -1.47 2.78
CA ALA A 73 4.09 -0.94 4.13
C ALA A 73 2.81 -0.14 4.30
N LEU A 74 2.46 0.62 3.26
CA LEU A 74 1.23 1.41 3.24
C LEU A 74 0.03 0.48 3.39
N ALA A 75 -0.02 -0.56 2.55
CA ALA A 75 -1.09 -1.54 2.58
C ALA A 75 -1.22 -2.21 3.95
N ASN A 76 -0.08 -2.60 4.52
CA ASN A 76 -0.07 -3.29 5.82
C ASN A 76 -0.46 -2.32 6.94
N HIS A 77 -0.13 -1.05 6.78
CA HIS A 77 -0.54 -0.05 7.75
C HIS A 77 -2.06 0.06 7.73
N LEU A 78 -2.64 -0.11 6.56
CA LEU A 78 -4.08 -0.10 6.39
C LEU A 78 -4.70 -1.36 6.98
N ILE A 79 -4.07 -2.51 6.75
CA ILE A 79 -4.54 -3.77 7.30
C ILE A 79 -4.66 -3.67 8.83
N LYS A 80 -3.60 -3.20 9.46
CA LYS A 80 -3.54 -3.14 10.92
C LYS A 80 -4.49 -2.08 11.46
N VAL A 81 -4.48 -0.90 10.84
CA VAL A 81 -5.34 0.18 11.32
C VAL A 81 -6.82 -0.20 11.17
N LYS A 82 -7.11 -1.02 10.17
CA LYS A 82 -8.45 -1.52 9.96
C LYS A 82 -8.85 -2.50 11.07
N LEU A 83 -7.93 -3.42 11.39
CA LEU A 83 -8.18 -4.42 12.42
C LEU A 83 -8.10 -3.82 13.82
N GLU A 84 -7.52 -2.63 13.91
CA GLU A 84 -7.44 -1.90 15.16
C GLU A 84 -8.73 -1.10 15.37
N GLY A 85 -9.69 -1.33 14.47
CA GLY A 85 -11.02 -0.76 14.63
C GLY A 85 -11.19 0.60 13.99
N HIS A 86 -10.52 0.83 12.87
CA HIS A 86 -10.70 2.08 12.13
C HIS A 86 -11.36 1.79 10.79
N GLU A 87 -12.04 2.80 10.24
CA GLU A 87 -12.69 2.65 8.95
C GLU A 87 -11.98 3.50 7.91
N LEU A 88 -11.62 2.89 6.80
CA LEU A 88 -10.84 3.57 5.77
C LEU A 88 -11.73 4.20 4.71
N PRO A 89 -11.40 5.44 4.32
CA PRO A 89 -12.14 6.19 3.29
C PRO A 89 -11.89 5.65 1.89
N ALA A 90 -10.77 4.93 1.74
CA ALA A 90 -10.29 4.46 0.45
C ALA A 90 -9.85 5.65 -0.41
N ASP A 91 -9.64 6.78 0.25
CA ASP A 91 -9.07 7.96 -0.39
C ASP A 91 -7.63 8.09 0.08
N LEU A 92 -6.83 8.83 -0.67
CA LEU A 92 -5.41 8.95 -0.31
C LEU A 92 -5.06 10.39 0.08
N PRO A 93 -5.14 10.71 1.39
CA PRO A 93 -4.66 11.98 1.92
C PRO A 93 -3.16 12.22 1.63
N PRO A 94 -2.78 13.49 1.42
CA PRO A 94 -1.41 13.86 1.04
C PRO A 94 -0.31 13.29 1.95
N HIS A 95 -0.56 13.25 3.26
CA HIS A 95 0.49 12.81 4.19
C HIS A 95 0.63 11.29 4.24
N LEU A 96 0.03 10.60 3.28
CA LEU A 96 0.19 9.16 3.17
C LEU A 96 0.99 8.77 1.94
N VAL A 97 1.48 9.77 1.22
CA VAL A 97 2.27 9.53 0.01
C VAL A 97 3.69 9.05 0.36
N PRO A 98 4.10 7.91 -0.21
CA PRO A 98 5.43 7.32 0.03
C PRO A 98 6.58 8.28 -0.26
N PRO A 99 7.73 8.05 0.40
CA PRO A 99 8.91 8.94 0.30
C PRO A 99 9.39 9.17 -1.13
N SER A 100 9.65 8.10 -1.88
CA SER A 100 10.21 8.25 -3.21
C SER A 100 9.12 8.48 -4.25
N LYS A 101 7.89 8.67 -3.79
CA LYS A 101 6.75 8.85 -4.69
C LYS A 101 6.07 10.21 -4.49
N ARG A 102 6.71 11.09 -3.73
CA ARG A 102 6.12 12.41 -3.47
C ARG A 102 6.73 13.48 -4.37
N ARG A 103 5.92 14.48 -4.71
CA ARG A 103 6.35 15.54 -5.61
C ARG A 103 7.23 16.55 -4.89
N HIS A 104 8.50 16.58 -5.26
CA HIS A 104 9.41 17.58 -4.76
C HIS A 104 9.79 18.52 -5.90
N GLU A 105 9.96 19.80 -5.57
CA GLU A 105 10.24 20.88 -6.53
C GLU A 105 8.94 21.40 -7.13
N PHE B 1 3.28 -8.23 -15.66
CA PHE B 1 1.91 -7.82 -16.02
C PHE B 1 1.58 -8.19 -17.46
N ASN B 2 0.36 -8.65 -17.70
CA ASN B 2 -0.09 -9.01 -19.03
C ASN B 2 -1.55 -8.62 -19.25
N TYR B 3 -2.39 -8.95 -18.29
CA TYR B 3 -3.84 -8.76 -18.44
C TYR B 3 -4.41 -8.04 -17.23
N GLU B 4 -3.54 -7.61 -16.33
CA GLU B 4 -3.96 -7.04 -15.05
C GLU B 4 -4.90 -5.86 -15.26
N SER B 5 -6.13 -6.02 -14.79
CA SER B 5 -7.18 -5.02 -15.00
C SER B 5 -6.95 -3.77 -14.14
N THR B 6 -7.08 -3.94 -12.83
CA THR B 6 -6.87 -2.85 -11.89
C THR B 6 -5.98 -3.34 -10.75
N GLY B 7 -6.23 -4.56 -10.32
CA GLY B 7 -5.42 -5.17 -9.29
C GLY B 7 -5.57 -6.67 -9.30
N PRO B 8 -4.81 -7.39 -8.46
CA PRO B 8 -4.87 -8.85 -8.40
C PRO B 8 -6.14 -9.32 -7.68
N PHE B 9 -6.86 -8.36 -7.10
CA PHE B 9 -8.09 -8.66 -6.39
C PHE B 9 -9.29 -8.61 -7.33
N THR B 10 -9.22 -7.73 -8.32
CA THR B 10 -10.31 -7.53 -9.25
C THR B 10 -10.36 -8.64 -10.30
N ALA B 11 -11.23 -9.62 -10.07
CA ALA B 11 -11.38 -10.74 -10.98
C ALA B 11 -12.85 -11.07 -11.18
N LYS B 12 -13.13 -11.90 -12.18
CA LYS B 12 -14.49 -12.29 -12.52
C LYS B 12 -15.09 -13.17 -11.43
N GLY A 1 13.32 27.83 6.90
CA GLY A 1 11.87 27.91 6.58
C GLY A 1 11.53 27.13 5.32
N PRO A 2 10.25 26.78 5.14
CA PRO A 2 9.77 26.05 3.97
C PRO A 2 9.61 26.95 2.75
N LEU A 3 10.05 26.47 1.59
CA LEU A 3 9.95 27.23 0.36
C LEU A 3 9.05 26.53 -0.65
N GLY A 4 9.41 25.29 -0.97
CA GLY A 4 8.66 24.53 -1.94
C GLY A 4 7.56 23.70 -1.31
N SER A 5 6.40 24.32 -1.12
CA SER A 5 5.23 23.64 -0.58
C SER A 5 5.45 23.20 0.87
N ASP A 6 4.54 22.39 1.40
CA ASP A 6 4.64 21.89 2.77
C ASP A 6 5.18 20.47 2.77
N ASP A 7 6.13 20.21 3.65
CA ASP A 7 6.78 18.90 3.73
C ASP A 7 6.27 18.13 4.95
N VAL A 8 5.89 16.89 4.73
CA VAL A 8 5.37 16.06 5.80
C VAL A 8 6.17 14.75 5.95
N GLU A 9 6.22 14.23 7.17
CA GLU A 9 6.84 12.94 7.45
C GLU A 9 5.83 11.83 7.17
N TRP A 10 6.32 10.67 6.76
CA TRP A 10 5.43 9.57 6.42
C TRP A 10 5.11 8.77 7.68
N VAL A 11 3.87 8.88 8.13
CA VAL A 11 3.41 8.25 9.37
C VAL A 11 3.50 6.72 9.30
N VAL A 12 3.60 6.18 8.10
CA VAL A 12 3.72 4.75 7.91
C VAL A 12 5.16 4.29 8.10
N GLY A 13 6.09 5.23 7.94
CA GLY A 13 7.50 4.91 7.96
C GLY A 13 8.04 4.57 9.33
N LYS A 14 7.25 4.85 10.37
CA LYS A 14 7.69 4.64 11.74
C LYS A 14 7.61 3.16 12.12
N ASP A 15 6.81 2.40 11.37
CA ASP A 15 6.67 0.96 11.66
C ASP A 15 7.18 0.15 10.46
N LYS A 16 8.21 0.68 9.81
CA LYS A 16 8.78 0.02 8.64
C LYS A 16 9.52 -1.27 9.01
N PRO A 17 10.31 -1.32 10.11
CA PRO A 17 10.99 -2.55 10.54
C PRO A 17 10.07 -3.77 10.50
N THR A 18 8.83 -3.58 10.92
CA THR A 18 7.87 -4.67 10.94
C THR A 18 7.44 -5.07 9.52
N TYR A 19 7.15 -4.07 8.69
CA TYR A 19 6.69 -4.33 7.33
C TYR A 19 7.83 -4.80 6.44
N ASP A 20 9.05 -4.49 6.85
CA ASP A 20 10.24 -4.91 6.14
C ASP A 20 10.50 -6.38 6.43
N GLU A 21 10.27 -6.75 7.68
CA GLU A 21 10.38 -8.14 8.09
C GLU A 21 9.42 -9.00 7.28
N ILE A 22 8.18 -8.55 7.19
CA ILE A 22 7.14 -9.25 6.44
C ILE A 22 7.44 -9.25 4.94
N PHE A 23 7.68 -8.07 4.39
CA PHE A 23 7.91 -7.89 2.95
C PHE A 23 9.05 -8.77 2.44
N TYR A 24 10.04 -9.00 3.29
CA TYR A 24 11.22 -9.76 2.88
C TYR A 24 11.03 -11.26 3.10
N THR A 25 9.89 -11.66 3.65
CA THR A 25 9.57 -13.07 3.76
C THR A 25 8.61 -13.48 2.65
N LEU A 26 8.04 -12.48 1.98
CA LEU A 26 7.13 -12.71 0.86
C LEU A 26 7.90 -12.81 -0.45
N SER A 27 9.24 -12.82 -0.34
CA SER A 27 10.13 -12.89 -1.49
C SER A 27 9.97 -11.65 -2.39
N PRO A 28 10.65 -10.56 -2.04
CA PRO A 28 10.56 -9.31 -2.77
C PRO A 28 11.48 -9.26 -4.00
N VAL A 29 10.97 -8.76 -5.09
CA VAL A 29 11.74 -8.63 -6.31
C VAL A 29 12.14 -7.17 -6.53
N ASN A 30 13.41 -6.86 -6.24
CA ASN A 30 13.95 -5.52 -6.45
C ASN A 30 13.21 -4.47 -5.63
N GLY A 31 12.62 -4.91 -4.52
CA GLY A 31 11.92 -3.98 -3.64
C GLY A 31 10.44 -3.87 -3.98
N LYS A 32 9.94 -4.85 -4.71
CA LYS A 32 8.53 -4.93 -5.09
C LYS A 32 8.06 -6.39 -5.05
N ILE A 33 6.89 -6.63 -4.47
CA ILE A 33 6.29 -7.96 -4.50
C ILE A 33 5.15 -7.99 -5.52
N THR A 34 4.91 -9.15 -6.10
CA THR A 34 3.91 -9.29 -7.14
C THR A 34 2.51 -9.24 -6.56
N GLY A 35 1.52 -9.09 -7.43
CA GLY A 35 0.13 -9.06 -6.99
C GLY A 35 -0.33 -10.40 -6.48
N ALA A 36 0.40 -11.47 -6.85
CA ALA A 36 0.10 -12.80 -6.35
C ALA A 36 0.54 -12.94 -4.89
N ASN A 37 1.69 -12.35 -4.58
CA ASN A 37 2.23 -12.38 -3.23
C ASN A 37 1.42 -11.43 -2.36
N ALA A 38 1.09 -10.27 -2.93
CA ALA A 38 0.22 -9.31 -2.26
C ALA A 38 -1.16 -9.93 -2.05
N LYS A 39 -1.60 -10.71 -3.02
CA LYS A 39 -2.86 -11.45 -2.89
C LYS A 39 -2.82 -12.32 -1.65
N LYS A 40 -1.77 -13.12 -1.51
CA LYS A 40 -1.62 -14.01 -0.36
C LYS A 40 -1.71 -13.24 0.95
N GLU A 41 -1.02 -12.11 1.05
CA GLU A 41 -1.04 -11.32 2.28
C GLU A 41 -2.45 -10.77 2.55
N MET A 42 -3.05 -10.16 1.54
CA MET A 42 -4.39 -9.58 1.69
C MET A 42 -5.45 -10.66 1.93
N VAL A 43 -5.19 -11.85 1.43
CA VAL A 43 -6.04 -13.00 1.66
C VAL A 43 -5.90 -13.48 3.11
N LYS A 44 -4.69 -13.35 3.64
CA LYS A 44 -4.43 -13.66 5.05
C LYS A 44 -5.08 -12.61 5.95
N SER A 45 -5.34 -11.43 5.38
CA SER A 45 -5.99 -10.35 6.11
C SER A 45 -7.49 -10.62 6.24
N LYS A 46 -7.94 -11.72 5.60
CA LYS A 46 -9.33 -12.20 5.68
C LYS A 46 -10.36 -11.08 5.47
N LEU A 47 -10.01 -10.10 4.64
CA LEU A 47 -10.92 -9.02 4.30
C LEU A 47 -11.60 -9.30 2.98
N PRO A 48 -12.83 -8.82 2.78
CA PRO A 48 -13.60 -9.02 1.54
C PRO A 48 -12.83 -8.55 0.31
N ASN A 49 -13.00 -9.26 -0.80
CA ASN A 49 -12.27 -8.95 -2.04
C ASN A 49 -12.47 -7.50 -2.48
N THR A 50 -13.71 -7.03 -2.35
CA THR A 50 -14.04 -5.66 -2.68
C THR A 50 -13.16 -4.69 -1.90
N VAL A 51 -13.01 -4.94 -0.60
CA VAL A 51 -12.19 -4.11 0.27
C VAL A 51 -10.70 -4.28 -0.03
N LEU A 52 -10.33 -5.49 -0.44
CA LEU A 52 -8.94 -5.76 -0.83
C LEU A 52 -8.57 -4.90 -2.03
N GLY A 53 -9.49 -4.82 -3.00
CA GLY A 53 -9.26 -4.01 -4.18
C GLY A 53 -9.23 -2.54 -3.83
N LYS A 54 -10.04 -2.16 -2.85
CA LYS A 54 -10.03 -0.81 -2.31
C LYS A 54 -8.64 -0.46 -1.79
N ILE A 55 -8.17 -1.25 -0.85
CA ILE A 55 -6.87 -1.00 -0.22
C ILE A 55 -5.75 -1.08 -1.24
N TRP A 56 -5.88 -1.98 -2.22
CA TRP A 56 -4.89 -2.06 -3.29
C TRP A 56 -4.79 -0.72 -4.01
N LYS A 57 -5.95 -0.16 -4.38
CA LYS A 57 -6.00 1.09 -5.12
C LYS A 57 -5.39 2.25 -4.33
N LEU A 58 -5.66 2.28 -3.03
CA LEU A 58 -5.17 3.33 -2.17
C LEU A 58 -3.68 3.14 -1.84
N ALA A 59 -3.20 1.90 -1.90
CA ALA A 59 -1.82 1.60 -1.56
C ALA A 59 -0.92 1.64 -2.79
N ASP A 60 -1.41 1.06 -3.89
CA ASP A 60 -0.66 1.02 -5.14
C ASP A 60 -0.85 2.34 -5.88
N VAL A 61 0.01 3.29 -5.56
CA VAL A 61 -0.10 4.63 -6.08
C VAL A 61 0.49 4.72 -7.48
N ASP A 62 1.54 3.95 -7.73
CA ASP A 62 2.20 3.97 -9.03
C ASP A 62 1.46 3.07 -10.00
N LYS A 63 0.58 2.22 -9.46
CA LYS A 63 -0.31 1.39 -10.27
C LYS A 63 0.49 0.50 -11.20
N ASP A 64 1.41 -0.27 -10.62
CA ASP A 64 2.33 -1.09 -11.39
C ASP A 64 2.00 -2.57 -11.22
N GLY A 65 0.88 -2.86 -10.57
CA GLY A 65 0.48 -4.24 -10.36
C GLY A 65 1.34 -4.95 -9.34
N LEU A 66 2.21 -4.18 -8.69
CA LEU A 66 3.08 -4.70 -7.66
C LEU A 66 3.09 -3.74 -6.48
N LEU A 67 3.39 -4.25 -5.31
CA LEU A 67 3.52 -3.42 -4.13
C LEU A 67 4.96 -3.34 -3.72
N ASP A 68 5.54 -2.15 -3.82
CA ASP A 68 6.93 -1.96 -3.45
C ASP A 68 7.06 -1.83 -1.95
N ASP A 69 8.28 -1.57 -1.49
CA ASP A 69 8.57 -1.44 -0.07
C ASP A 69 7.68 -0.38 0.59
N GLU A 70 7.49 0.74 -0.10
CA GLU A 70 6.65 1.81 0.42
C GLU A 70 5.19 1.41 0.37
N GLU A 71 4.73 0.98 -0.80
CA GLU A 71 3.30 0.72 -1.02
C GLU A 71 2.82 -0.42 -0.15
N PHE A 72 3.66 -1.43 0.03
CA PHE A 72 3.30 -2.58 0.83
C PHE A 72 3.34 -2.24 2.31
N ALA A 73 4.27 -1.37 2.69
CA ALA A 73 4.32 -0.85 4.06
C ALA A 73 3.01 -0.12 4.38
N LEU A 74 2.54 0.67 3.43
CA LEU A 74 1.27 1.38 3.56
C LEU A 74 0.13 0.37 3.69
N ALA A 75 0.14 -0.63 2.80
CA ALA A 75 -0.88 -1.68 2.81
C ALA A 75 -0.95 -2.36 4.17
N ASN A 76 0.20 -2.82 4.67
CA ASN A 76 0.28 -3.49 5.97
C ASN A 76 -0.22 -2.58 7.08
N HIS A 77 0.05 -1.29 6.94
CA HIS A 77 -0.36 -0.31 7.95
C HIS A 77 -1.88 -0.25 8.02
N LEU A 78 -2.53 -0.32 6.87
CA LEU A 78 -3.99 -0.31 6.81
C LEU A 78 -4.56 -1.65 7.25
N ILE A 79 -3.85 -2.74 6.93
CA ILE A 79 -4.24 -4.06 7.40
C ILE A 79 -4.25 -4.08 8.93
N LYS A 80 -3.20 -3.51 9.51
CA LYS A 80 -3.06 -3.39 10.96
C LYS A 80 -4.22 -2.57 11.53
N VAL A 81 -4.55 -1.48 10.84
CA VAL A 81 -5.70 -0.66 11.21
C VAL A 81 -6.97 -1.49 11.34
N LYS A 82 -7.22 -2.33 10.35
CA LYS A 82 -8.41 -3.17 10.36
C LYS A 82 -8.33 -4.25 11.44
N LEU A 83 -7.13 -4.80 11.62
CA LEU A 83 -6.91 -5.82 12.65
C LEU A 83 -7.05 -5.21 14.04
N GLU A 84 -6.76 -3.92 14.15
CA GLU A 84 -6.87 -3.22 15.41
C GLU A 84 -8.33 -2.89 15.69
N GLY A 85 -9.12 -2.87 14.63
CA GLY A 85 -10.53 -2.57 14.77
C GLY A 85 -10.86 -1.15 14.42
N HIS A 86 -9.98 -0.49 13.69
CA HIS A 86 -10.23 0.86 13.22
C HIS A 86 -10.75 0.81 11.80
N GLU A 87 -11.27 1.93 11.31
CA GLU A 87 -11.82 2.00 9.98
C GLU A 87 -10.99 2.95 9.12
N LEU A 88 -10.87 2.64 7.85
CA LEU A 88 -10.16 3.49 6.91
C LEU A 88 -11.16 4.18 6.00
N PRO A 89 -10.94 5.47 5.70
CA PRO A 89 -11.87 6.27 4.88
C PRO A 89 -11.86 5.89 3.41
N ALA A 90 -11.02 4.91 3.06
CA ALA A 90 -10.85 4.48 1.66
C ALA A 90 -10.38 5.65 0.79
N ASP A 91 -9.76 6.63 1.43
CA ASP A 91 -9.24 7.80 0.76
C ASP A 91 -7.82 8.04 1.22
N LEU A 92 -7.11 8.96 0.58
CA LEU A 92 -5.71 9.18 0.88
C LEU A 92 -5.45 10.59 1.42
N PRO A 93 -5.21 10.70 2.73
CA PRO A 93 -4.74 11.94 3.34
C PRO A 93 -3.30 12.24 2.93
N PRO A 94 -2.93 13.52 2.81
CA PRO A 94 -1.58 13.93 2.39
C PRO A 94 -0.46 13.25 3.18
N HIS A 95 -0.66 13.05 4.48
CA HIS A 95 0.36 12.45 5.32
C HIS A 95 0.36 10.92 5.23
N LEU A 96 -0.49 10.37 4.36
CA LEU A 96 -0.50 8.95 4.09
C LEU A 96 0.22 8.64 2.79
N VAL A 97 0.35 9.65 1.94
CA VAL A 97 1.00 9.50 0.65
C VAL A 97 2.52 9.40 0.81
N PRO A 98 3.12 8.34 0.24
CA PRO A 98 4.57 8.14 0.28
C PRO A 98 5.31 9.35 -0.30
N PRO A 99 6.36 9.81 0.38
CA PRO A 99 7.11 11.00 -0.02
C PRO A 99 7.71 10.88 -1.42
N SER A 100 7.91 9.65 -1.88
CA SER A 100 8.47 9.40 -3.19
C SER A 100 7.41 9.50 -4.28
N LYS A 101 6.14 9.44 -3.89
CA LYS A 101 5.04 9.46 -4.85
C LYS A 101 4.11 10.66 -4.63
N ARG A 102 4.60 11.70 -4.00
CA ARG A 102 3.74 12.84 -3.66
C ARG A 102 3.65 13.86 -4.81
N ARG A 103 2.55 13.80 -5.53
CA ARG A 103 2.26 14.75 -6.59
C ARG A 103 0.82 15.26 -6.44
N HIS A 104 0.65 16.57 -6.51
CA HIS A 104 -0.68 17.17 -6.39
C HIS A 104 -1.38 17.19 -7.74
N GLU A 105 -2.26 16.23 -7.96
CA GLU A 105 -3.06 16.19 -9.19
C GLU A 105 -4.52 16.51 -8.86
N PHE B 1 -3.30 3.32 -26.93
CA PHE B 1 -2.60 2.74 -25.77
C PHE B 1 -3.58 2.01 -24.87
N ASN B 2 -3.08 1.06 -24.10
CA ASN B 2 -3.90 0.33 -23.14
C ASN B 2 -3.08 -0.01 -21.91
N TYR B 3 -3.47 0.53 -20.76
CA TYR B 3 -2.76 0.25 -19.51
C TYR B 3 -3.75 -0.25 -18.46
N GLU B 4 -3.76 -1.57 -18.28
CA GLU B 4 -4.64 -2.20 -17.31
C GLU B 4 -4.05 -2.09 -15.91
N SER B 5 -4.81 -1.48 -15.02
CA SER B 5 -4.36 -1.24 -13.66
C SER B 5 -5.50 -1.46 -12.66
N THR B 6 -6.28 -2.51 -12.89
CA THR B 6 -7.42 -2.80 -12.03
C THR B 6 -6.98 -3.49 -10.75
N GLY B 7 -5.94 -4.29 -10.84
CA GLY B 7 -5.41 -4.95 -9.67
C GLY B 7 -5.73 -6.43 -9.63
N PRO B 8 -4.99 -7.21 -8.85
CA PRO B 8 -5.18 -8.67 -8.76
C PRO B 8 -6.43 -9.04 -7.96
N PHE B 9 -7.10 -8.02 -7.45
CA PHE B 9 -8.33 -8.22 -6.69
C PHE B 9 -9.54 -7.89 -7.55
N THR B 10 -9.34 -6.99 -8.51
CA THR B 10 -10.41 -6.56 -9.40
C THR B 10 -10.46 -7.46 -10.64
N ALA B 11 -9.28 -7.94 -11.04
CA ALA B 11 -9.14 -8.85 -12.18
C ALA B 11 -9.49 -8.16 -13.49
N LYS B 12 -9.69 -8.96 -14.53
CA LYS B 12 -10.00 -8.45 -15.86
C LYS B 12 -11.41 -8.85 -16.25
N GLY A 1 -2.10 22.29 4.44
CA GLY A 1 -1.16 21.23 4.90
C GLY A 1 0.24 21.48 4.40
N PRO A 2 0.84 20.49 3.72
CA PRO A 2 2.18 20.65 3.14
C PRO A 2 2.15 21.56 1.92
N LEU A 3 2.48 22.82 2.12
CA LEU A 3 2.44 23.79 1.04
C LEU A 3 3.86 24.21 0.67
N GLY A 4 4.67 24.51 1.68
CA GLY A 4 6.04 24.87 1.45
C GLY A 4 6.93 23.65 1.50
N SER A 5 7.96 23.69 2.33
CA SER A 5 8.82 22.54 2.50
C SER A 5 8.36 21.73 3.71
N ASP A 6 7.04 21.60 3.83
CA ASP A 6 6.44 20.87 4.94
C ASP A 6 6.57 19.37 4.72
N ASP A 7 7.61 18.79 5.29
CA ASP A 7 7.84 17.36 5.16
C ASP A 7 7.19 16.63 6.33
N VAL A 8 5.94 16.24 6.15
CA VAL A 8 5.21 15.57 7.20
C VAL A 8 5.64 14.10 7.29
N GLU A 9 5.62 13.57 8.49
CA GLU A 9 5.98 12.18 8.70
C GLU A 9 4.92 11.26 8.11
N TRP A 10 5.37 10.23 7.43
CA TRP A 10 4.48 9.26 6.83
C TRP A 10 4.07 8.24 7.88
N VAL A 11 2.76 8.13 8.11
CA VAL A 11 2.22 7.40 9.28
C VAL A 11 2.59 5.91 9.32
N VAL A 12 3.04 5.35 8.21
CA VAL A 12 3.44 3.94 8.22
C VAL A 12 4.93 3.81 8.52
N GLY A 13 5.66 4.91 8.43
CA GLY A 13 7.10 4.89 8.63
C GLY A 13 7.48 4.50 10.05
N LYS A 14 6.58 4.74 11.00
CA LYS A 14 6.85 4.43 12.39
C LYS A 14 6.71 2.93 12.66
N ASP A 15 6.02 2.23 11.76
CA ASP A 15 5.83 0.79 11.91
C ASP A 15 6.26 0.10 10.63
N LYS A 16 7.28 0.65 9.99
CA LYS A 16 7.70 0.18 8.67
C LYS A 16 8.67 -0.99 8.75
N PRO A 17 9.75 -0.93 9.59
CA PRO A 17 10.72 -2.03 9.70
C PRO A 17 10.06 -3.39 9.93
N THR A 18 8.91 -3.39 10.59
CA THR A 18 8.16 -4.61 10.83
C THR A 18 7.55 -5.12 9.52
N TYR A 19 6.96 -4.22 8.75
CA TYR A 19 6.30 -4.60 7.51
C TYR A 19 7.33 -4.92 6.45
N ASP A 20 8.54 -4.38 6.60
CA ASP A 20 9.64 -4.71 5.71
C ASP A 20 10.12 -6.11 6.00
N GLU A 21 10.20 -6.46 7.28
CA GLU A 21 10.55 -7.81 7.69
C GLU A 21 9.59 -8.83 7.11
N ILE A 22 8.32 -8.46 7.04
CA ILE A 22 7.31 -9.33 6.45
C ILE A 22 7.43 -9.31 4.92
N PHE A 23 7.68 -8.12 4.37
CA PHE A 23 7.84 -7.94 2.94
C PHE A 23 8.95 -8.83 2.37
N TYR A 24 10.03 -8.97 3.14
CA TYR A 24 11.20 -9.69 2.66
C TYR A 24 11.02 -11.21 2.77
N THR A 25 9.90 -11.64 3.34
CA THR A 25 9.64 -13.07 3.49
C THR A 25 8.69 -13.56 2.39
N LEU A 26 8.23 -12.65 1.55
CA LEU A 26 7.33 -13.00 0.46
C LEU A 26 8.08 -13.07 -0.85
N SER A 27 9.40 -13.14 -0.77
CA SER A 27 10.27 -13.20 -1.93
C SER A 27 10.17 -11.93 -2.76
N PRO A 28 10.87 -10.86 -2.35
CA PRO A 28 10.88 -9.58 -3.06
C PRO A 28 11.80 -9.62 -4.28
N VAL A 29 11.39 -8.93 -5.34
CA VAL A 29 12.21 -8.81 -6.53
C VAL A 29 12.46 -7.35 -6.86
N ASN A 30 13.73 -6.95 -6.82
CA ASN A 30 14.13 -5.56 -7.10
C ASN A 30 13.52 -4.59 -6.09
N GLY A 31 13.17 -5.11 -4.92
CA GLY A 31 12.62 -4.27 -3.87
C GLY A 31 11.10 -4.17 -3.92
N LYS A 32 10.49 -4.94 -4.82
CA LYS A 32 9.05 -4.93 -4.99
C LYS A 32 8.52 -6.36 -5.09
N ILE A 33 7.24 -6.56 -4.80
CA ILE A 33 6.64 -7.88 -4.93
C ILE A 33 5.42 -7.84 -5.84
N THR A 34 5.01 -9.01 -6.28
CA THR A 34 3.85 -9.15 -7.15
C THR A 34 2.56 -9.14 -6.34
N GLY A 35 1.43 -8.96 -7.03
CA GLY A 35 0.15 -8.94 -6.37
C GLY A 35 -0.27 -10.32 -5.90
N ALA A 36 0.42 -11.35 -6.37
CA ALA A 36 0.09 -12.72 -6.01
C ALA A 36 0.30 -12.96 -4.52
N ASN A 37 1.54 -12.75 -4.08
CA ASN A 37 1.90 -12.97 -2.69
C ASN A 37 1.24 -11.95 -1.79
N ALA A 38 1.16 -10.71 -2.27
CA ALA A 38 0.49 -9.66 -1.56
C ALA A 38 -0.97 -10.03 -1.32
N LYS A 39 -1.61 -10.58 -2.35
CA LYS A 39 -3.00 -11.03 -2.26
C LYS A 39 -3.14 -12.15 -1.22
N LYS A 40 -2.17 -13.06 -1.18
CA LYS A 40 -2.18 -14.15 -0.22
C LYS A 40 -2.20 -13.61 1.21
N GLU A 41 -1.55 -12.47 1.41
CA GLU A 41 -1.49 -11.87 2.75
C GLU A 41 -2.76 -11.09 3.02
N MET A 42 -3.13 -10.22 2.08
CA MET A 42 -4.34 -9.42 2.20
C MET A 42 -5.56 -10.32 2.36
N VAL A 43 -5.46 -11.53 1.83
CA VAL A 43 -6.55 -12.49 1.90
C VAL A 43 -6.50 -13.28 3.20
N LYS A 44 -5.30 -13.46 3.75
CA LYS A 44 -5.13 -14.23 4.98
C LYS A 44 -5.44 -13.36 6.19
N SER A 45 -5.51 -12.03 5.97
CA SER A 45 -5.99 -11.11 7.00
C SER A 45 -7.52 -11.13 7.06
N LYS A 46 -8.11 -12.03 6.25
CA LYS A 46 -9.55 -12.31 6.27
C LYS A 46 -10.38 -11.10 5.88
N LEU A 47 -9.85 -10.28 4.98
CA LEU A 47 -10.57 -9.13 4.48
C LEU A 47 -11.12 -9.43 3.09
N PRO A 48 -12.35 -8.95 2.80
CA PRO A 48 -12.98 -9.16 1.50
C PRO A 48 -12.14 -8.65 0.34
N ASN A 49 -12.08 -9.45 -0.73
CA ASN A 49 -11.30 -9.11 -1.93
C ASN A 49 -11.65 -7.72 -2.46
N THR A 50 -12.90 -7.32 -2.34
CA THR A 50 -13.33 -6.02 -2.83
C THR A 50 -12.75 -4.91 -1.97
N VAL A 51 -12.70 -5.14 -0.66
CA VAL A 51 -12.10 -4.19 0.27
C VAL A 51 -10.60 -4.11 0.02
N LEU A 52 -10.02 -5.27 -0.31
CA LEU A 52 -8.62 -5.34 -0.68
C LEU A 52 -8.37 -4.54 -1.94
N GLY A 53 -9.35 -4.52 -2.83
CA GLY A 53 -9.23 -3.78 -4.07
C GLY A 53 -9.23 -2.29 -3.82
N LYS A 54 -10.05 -1.86 -2.87
CA LYS A 54 -10.05 -0.46 -2.42
C LYS A 54 -8.66 -0.08 -1.93
N ILE A 55 -8.14 -0.89 -1.03
CA ILE A 55 -6.84 -0.64 -0.43
C ILE A 55 -5.72 -0.74 -1.47
N TRP A 56 -5.86 -1.65 -2.44
CA TRP A 56 -4.90 -1.77 -3.52
C TRP A 56 -4.83 -0.46 -4.30
N LYS A 57 -6.00 0.09 -4.62
CA LYS A 57 -6.08 1.32 -5.40
C LYS A 57 -5.52 2.50 -4.60
N LEU A 58 -5.46 2.35 -3.28
CA LEU A 58 -4.89 3.39 -2.42
C LEU A 58 -3.40 3.16 -2.16
N ALA A 59 -3.00 1.90 -2.15
CA ALA A 59 -1.63 1.54 -1.80
C ALA A 59 -0.71 1.57 -3.00
N ASP A 60 -1.19 1.07 -4.14
CA ASP A 60 -0.40 1.09 -5.37
C ASP A 60 -0.51 2.47 -6.00
N VAL A 61 0.30 3.40 -5.48
CA VAL A 61 0.23 4.79 -5.86
C VAL A 61 0.86 5.02 -7.23
N ASP A 62 1.90 4.26 -7.53
CA ASP A 62 2.56 4.38 -8.82
C ASP A 62 1.78 3.57 -9.86
N LYS A 63 0.82 2.79 -9.38
CA LYS A 63 -0.10 2.02 -10.22
C LYS A 63 0.66 1.21 -11.27
N ASP A 64 1.31 0.16 -10.81
CA ASP A 64 2.17 -0.62 -11.66
C ASP A 64 1.93 -2.12 -11.48
N GLY A 65 0.88 -2.47 -10.74
CA GLY A 65 0.55 -3.87 -10.53
C GLY A 65 1.50 -4.55 -9.55
N LEU A 66 2.52 -3.82 -9.14
CA LEU A 66 3.48 -4.31 -8.19
C LEU A 66 3.49 -3.41 -6.96
N LEU A 67 3.88 -3.94 -5.84
CA LEU A 67 3.95 -3.15 -4.63
C LEU A 67 5.39 -2.89 -4.26
N ASP A 68 5.75 -1.63 -4.15
CA ASP A 68 7.04 -1.26 -3.59
C ASP A 68 7.03 -1.59 -2.12
N ASP A 69 8.18 -1.56 -1.49
CA ASP A 69 8.25 -1.75 -0.05
C ASP A 69 7.46 -0.64 0.64
N GLU A 70 7.41 0.53 0.00
CA GLU A 70 6.57 1.64 0.46
C GLU A 70 5.09 1.24 0.39
N GLU A 71 4.67 0.85 -0.82
CA GLU A 71 3.27 0.57 -1.11
C GLU A 71 2.76 -0.59 -0.25
N PHE A 72 3.60 -1.60 -0.08
CA PHE A 72 3.29 -2.75 0.74
C PHE A 72 3.11 -2.35 2.19
N ALA A 73 4.06 -1.57 2.71
CA ALA A 73 3.99 -1.09 4.08
C ALA A 73 2.71 -0.31 4.31
N LEU A 74 2.38 0.58 3.39
CA LEU A 74 1.17 1.39 3.50
C LEU A 74 -0.07 0.50 3.59
N ALA A 75 -0.15 -0.47 2.69
CA ALA A 75 -1.26 -1.41 2.68
C ALA A 75 -1.34 -2.15 4.00
N ASN A 76 -0.19 -2.64 4.47
CA ASN A 76 -0.10 -3.36 5.74
C ASN A 76 -0.54 -2.48 6.91
N HIS A 77 -0.21 -1.19 6.84
CA HIS A 77 -0.64 -0.26 7.88
C HIS A 77 -2.15 -0.21 7.89
N LEU A 78 -2.72 -0.04 6.70
CA LEU A 78 -4.17 -0.03 6.55
C LEU A 78 -4.79 -1.31 7.07
N ILE A 79 -4.08 -2.43 6.89
CA ILE A 79 -4.50 -3.71 7.46
C ILE A 79 -4.67 -3.59 8.97
N LYS A 80 -3.62 -3.08 9.61
CA LYS A 80 -3.59 -2.94 11.07
C LYS A 80 -4.67 -1.98 11.57
N VAL A 81 -4.80 -0.84 10.90
CA VAL A 81 -5.75 0.19 11.33
C VAL A 81 -7.18 -0.24 11.00
N LYS A 82 -7.32 -1.12 10.00
CA LYS A 82 -8.60 -1.77 9.73
C LYS A 82 -8.99 -2.65 10.91
N LEU A 83 -8.05 -3.48 11.34
CA LEU A 83 -8.27 -4.38 12.46
C LEU A 83 -8.37 -3.62 13.77
N GLU A 84 -7.93 -2.36 13.75
CA GLU A 84 -8.06 -1.50 14.91
C GLU A 84 -9.53 -1.12 15.12
N GLY A 85 -10.33 -1.32 14.08
CA GLY A 85 -11.75 -1.00 14.16
C GLY A 85 -12.04 0.33 13.53
N HIS A 86 -11.17 0.74 12.62
CA HIS A 86 -11.29 2.02 11.98
C HIS A 86 -11.47 1.85 10.47
N GLU A 87 -12.58 2.38 9.97
CA GLU A 87 -12.86 2.35 8.55
C GLU A 87 -12.18 3.49 7.83
N LEU A 88 -11.31 3.14 6.89
CA LEU A 88 -10.70 4.13 6.03
C LEU A 88 -11.70 4.54 4.95
N PRO A 89 -11.76 5.84 4.62
CA PRO A 89 -12.73 6.38 3.65
C PRO A 89 -12.41 6.00 2.22
N ALA A 90 -11.45 5.09 2.04
CA ALA A 90 -11.02 4.63 0.72
C ALA A 90 -10.51 5.80 -0.12
N ASP A 91 -9.97 6.80 0.54
CA ASP A 91 -9.45 7.99 -0.12
C ASP A 91 -8.05 8.32 0.42
N LEU A 92 -7.27 9.04 -0.37
CA LEU A 92 -5.88 9.34 0.01
C LEU A 92 -5.69 10.81 0.34
N PRO A 93 -5.60 11.13 1.64
CA PRO A 93 -5.22 12.47 2.10
C PRO A 93 -3.74 12.74 1.85
N PRO A 94 -3.33 14.02 1.86
CA PRO A 94 -1.94 14.42 1.57
C PRO A 94 -0.90 13.66 2.39
N HIS A 95 -1.18 13.41 3.66
CA HIS A 95 -0.19 12.79 4.55
C HIS A 95 -0.14 11.26 4.41
N LEU A 96 -0.72 10.73 3.34
CA LEU A 96 -0.61 9.30 3.08
C LEU A 96 0.18 9.04 1.80
N VAL A 97 0.67 10.11 1.18
CA VAL A 97 1.42 9.99 -0.06
C VAL A 97 2.88 9.68 0.21
N PRO A 98 3.38 8.54 -0.32
CA PRO A 98 4.78 8.12 -0.13
C PRO A 98 5.78 9.16 -0.60
N PRO A 99 6.90 9.30 0.13
CA PRO A 99 7.94 10.31 -0.13
C PRO A 99 8.49 10.25 -1.56
N SER A 100 8.62 9.06 -2.12
CA SER A 100 9.17 8.89 -3.45
C SER A 100 8.09 9.10 -4.51
N LYS A 101 6.84 9.19 -4.07
CA LYS A 101 5.71 9.25 -4.98
C LYS A 101 4.93 10.55 -4.77
N ARG A 102 5.56 11.53 -4.14
CA ARG A 102 4.91 12.82 -3.89
C ARG A 102 5.44 13.87 -4.85
N ARG A 103 4.55 14.74 -5.31
CA ARG A 103 4.93 15.80 -6.24
C ARG A 103 4.98 17.15 -5.55
N HIS A 104 6.18 17.70 -5.42
CA HIS A 104 6.33 19.08 -4.97
C HIS A 104 7.31 19.79 -5.89
N GLU A 105 6.77 20.56 -6.83
CA GLU A 105 7.59 21.28 -7.78
C GLU A 105 8.29 22.46 -7.10
N PHE B 1 -13.60 1.12 -20.85
CA PHE B 1 -14.58 0.20 -20.24
C PHE B 1 -14.38 -1.23 -20.76
N ASN B 2 -13.14 -1.58 -21.03
CA ASN B 2 -12.81 -2.88 -21.63
C ASN B 2 -11.34 -3.22 -21.38
N TYR B 3 -11.09 -4.45 -20.91
CA TYR B 3 -9.71 -4.98 -20.76
C TYR B 3 -8.98 -4.41 -19.54
N GLU B 4 -9.32 -3.17 -19.19
CA GLU B 4 -8.70 -2.46 -18.07
C GLU B 4 -8.82 -3.25 -16.76
N SER B 5 -7.72 -3.81 -16.31
CA SER B 5 -7.67 -4.51 -15.04
C SER B 5 -7.09 -3.59 -13.97
N THR B 6 -7.76 -3.50 -12.84
CA THR B 6 -7.33 -2.63 -11.75
C THR B 6 -6.27 -3.30 -10.87
N GLY B 7 -6.51 -4.56 -10.54
CA GLY B 7 -5.58 -5.28 -9.69
C GLY B 7 -5.97 -6.73 -9.53
N PRO B 8 -5.21 -7.51 -8.75
CA PRO B 8 -5.45 -8.94 -8.56
C PRO B 8 -6.66 -9.26 -7.67
N PHE B 9 -7.28 -8.21 -7.16
CA PHE B 9 -8.36 -8.38 -6.19
C PHE B 9 -9.74 -8.38 -6.86
N THR B 10 -9.80 -7.95 -8.11
CA THR B 10 -11.07 -7.93 -8.83
C THR B 10 -11.40 -9.28 -9.45
N ALA B 11 -10.40 -10.15 -9.52
CA ALA B 11 -10.55 -11.49 -10.08
C ALA B 11 -11.02 -11.44 -11.53
N LYS B 12 -10.33 -10.63 -12.33
CA LYS B 12 -10.65 -10.50 -13.75
C LYS B 12 -9.55 -11.13 -14.56
N GLY A 1 -3.79 22.71 -2.08
CA GLY A 1 -2.58 22.17 -2.76
C GLY A 1 -1.32 22.46 -1.97
N PRO A 2 -0.16 22.50 -2.63
CA PRO A 2 1.11 22.78 -1.95
C PRO A 2 1.35 24.28 -1.79
N LEU A 3 2.07 24.65 -0.73
CA LEU A 3 2.40 26.06 -0.52
C LEU A 3 3.90 26.30 -0.70
N GLY A 4 4.71 25.35 -0.26
CA GLY A 4 6.15 25.47 -0.42
C GLY A 4 6.84 24.14 -0.34
N SER A 5 6.34 23.17 -1.08
CA SER A 5 6.84 21.80 -1.03
C SER A 5 6.82 21.31 0.42
N ASP A 6 5.62 21.02 0.87
CA ASP A 6 5.37 20.73 2.27
C ASP A 6 5.87 19.34 2.63
N ASP A 7 7.04 19.29 3.25
CA ASP A 7 7.68 18.03 3.59
C ASP A 7 7.10 17.48 4.89
N VAL A 8 6.11 16.61 4.75
CA VAL A 8 5.43 16.04 5.90
C VAL A 8 6.01 14.67 6.26
N GLU A 9 5.99 14.35 7.56
CA GLU A 9 6.46 13.05 8.04
C GLU A 9 5.53 11.95 7.57
N TRP A 10 6.11 10.93 6.94
CA TRP A 10 5.33 9.77 6.50
C TRP A 10 5.13 8.82 7.67
N VAL A 11 3.94 8.85 8.24
CA VAL A 11 3.64 8.10 9.47
C VAL A 11 3.83 6.59 9.32
N VAL A 12 3.84 6.11 8.09
CA VAL A 12 4.00 4.69 7.82
C VAL A 12 5.48 4.27 7.94
N GLY A 13 6.37 5.25 7.90
CA GLY A 13 7.78 4.97 7.90
C GLY A 13 8.31 4.53 9.26
N LYS A 14 7.48 4.63 10.30
CA LYS A 14 7.92 4.25 11.64
C LYS A 14 7.75 2.75 11.85
N ASP A 15 6.80 2.14 11.17
CA ASP A 15 6.56 0.71 11.31
C ASP A 15 7.20 -0.06 10.16
N LYS A 16 8.34 0.44 9.69
CA LYS A 16 9.02 -0.17 8.55
C LYS A 16 9.62 -1.54 8.88
N PRO A 17 10.42 -1.69 9.97
CA PRO A 17 11.07 -2.96 10.31
C PRO A 17 10.10 -4.16 10.29
N THR A 18 8.91 -3.95 10.80
CA THR A 18 7.91 -5.01 10.84
C THR A 18 7.37 -5.30 9.45
N TYR A 19 7.17 -4.27 8.65
CA TYR A 19 6.58 -4.45 7.33
C TYR A 19 7.62 -4.94 6.34
N ASP A 20 8.90 -4.72 6.61
CA ASP A 20 9.95 -5.26 5.74
C ASP A 20 10.20 -6.71 6.13
N GLU A 21 9.90 -7.03 7.38
CA GLU A 21 9.87 -8.41 7.83
C GLU A 21 8.85 -9.19 7.00
N ILE A 22 7.70 -8.57 6.78
CA ILE A 22 6.65 -9.19 5.97
C ILE A 22 7.00 -9.11 4.48
N PHE A 23 7.64 -8.01 4.10
CA PHE A 23 7.98 -7.75 2.71
C PHE A 23 8.99 -8.77 2.18
N TYR A 24 10.04 -9.02 2.95
CA TYR A 24 11.12 -9.87 2.52
C TYR A 24 10.78 -11.35 2.67
N THR A 25 9.66 -11.65 3.31
CA THR A 25 9.22 -13.03 3.45
C THR A 25 8.29 -13.41 2.30
N LEU A 26 7.96 -12.44 1.46
CA LEU A 26 7.09 -12.68 0.30
C LEU A 26 7.89 -12.64 -1.00
N SER A 27 9.22 -12.65 -0.88
CA SER A 27 10.13 -12.70 -2.03
C SER A 27 10.11 -11.40 -2.84
N PRO A 28 10.93 -10.43 -2.46
CA PRO A 28 11.04 -9.15 -3.17
C PRO A 28 11.92 -9.24 -4.41
N VAL A 29 11.47 -8.59 -5.47
CA VAL A 29 12.25 -8.49 -6.70
C VAL A 29 12.37 -7.04 -7.13
N ASN A 30 13.61 -6.55 -7.17
CA ASN A 30 13.91 -5.18 -7.60
C ASN A 30 13.35 -4.14 -6.62
N GLY A 31 13.15 -4.57 -5.37
CA GLY A 31 12.68 -3.66 -4.33
C GLY A 31 11.16 -3.66 -4.19
N LYS A 32 10.52 -4.59 -4.88
CA LYS A 32 9.05 -4.69 -4.88
C LYS A 32 8.62 -6.15 -4.92
N ILE A 33 7.43 -6.41 -4.41
CA ILE A 33 6.87 -7.76 -4.48
C ILE A 33 5.69 -7.77 -5.44
N THR A 34 5.42 -8.93 -6.02
CA THR A 34 4.31 -9.08 -6.94
C THR A 34 2.97 -9.05 -6.20
N GLY A 35 1.93 -8.62 -6.91
CA GLY A 35 0.62 -8.55 -6.31
C GLY A 35 0.09 -9.90 -5.86
N ALA A 36 0.71 -10.96 -6.35
CA ALA A 36 0.35 -12.33 -5.96
C ALA A 36 0.52 -12.53 -4.46
N ASN A 37 1.69 -12.18 -3.96
CA ASN A 37 2.02 -12.41 -2.56
C ASN A 37 1.29 -11.42 -1.67
N ALA A 38 1.11 -10.21 -2.18
CA ALA A 38 0.31 -9.21 -1.49
C ALA A 38 -1.12 -9.71 -1.34
N LYS A 39 -1.65 -10.26 -2.42
CA LYS A 39 -3.00 -10.84 -2.43
C LYS A 39 -3.11 -11.91 -1.36
N LYS A 40 -2.04 -12.69 -1.19
CA LYS A 40 -2.00 -13.74 -0.18
C LYS A 40 -2.06 -13.15 1.24
N GLU A 41 -1.49 -11.97 1.43
CA GLU A 41 -1.53 -11.30 2.73
C GLU A 41 -2.92 -10.69 2.96
N MET A 42 -3.49 -10.12 1.90
CA MET A 42 -4.84 -9.58 1.97
C MET A 42 -5.86 -10.65 2.33
N VAL A 43 -5.66 -11.86 1.83
CA VAL A 43 -6.55 -12.96 2.15
C VAL A 43 -6.17 -13.59 3.51
N LYS A 44 -4.98 -13.26 4.00
CA LYS A 44 -4.57 -13.63 5.36
C LYS A 44 -5.29 -12.78 6.40
N SER A 45 -5.62 -11.54 6.02
CA SER A 45 -6.27 -10.62 6.92
C SER A 45 -7.78 -10.85 6.94
N LYS A 46 -8.26 -11.61 5.94
CA LYS A 46 -9.65 -12.07 5.90
C LYS A 46 -10.62 -10.92 5.65
N LEU A 47 -10.19 -9.92 4.89
CA LEU A 47 -11.04 -8.82 4.52
C LEU A 47 -11.83 -9.18 3.25
N PRO A 48 -13.04 -8.60 3.07
CA PRO A 48 -13.87 -8.86 1.89
C PRO A 48 -13.14 -8.59 0.58
N ASN A 49 -13.42 -9.43 -0.42
CA ASN A 49 -12.74 -9.38 -1.72
C ASN A 49 -12.78 -7.97 -2.34
N THR A 50 -13.95 -7.36 -2.35
CA THR A 50 -14.10 -6.03 -2.94
C THR A 50 -13.28 -5.00 -2.17
N VAL A 51 -13.33 -5.10 -0.84
CA VAL A 51 -12.59 -4.20 0.03
C VAL A 51 -11.09 -4.30 -0.25
N LEU A 52 -10.61 -5.52 -0.48
CA LEU A 52 -9.22 -5.74 -0.82
C LEU A 52 -8.88 -5.11 -2.17
N GLY A 53 -9.88 -5.04 -3.04
CA GLY A 53 -9.70 -4.36 -4.31
C GLY A 53 -9.48 -2.89 -4.11
N LYS A 54 -10.24 -2.31 -3.19
CA LYS A 54 -10.10 -0.92 -2.88
C LYS A 54 -8.83 -0.66 -2.06
N ILE A 55 -8.42 -1.67 -1.28
CA ILE A 55 -7.16 -1.61 -0.56
C ILE A 55 -6.00 -1.45 -1.53
N TRP A 56 -5.96 -2.28 -2.57
CA TRP A 56 -4.92 -2.18 -3.59
C TRP A 56 -4.99 -0.84 -4.30
N LYS A 57 -6.20 -0.44 -4.67
CA LYS A 57 -6.46 0.83 -5.35
C LYS A 57 -5.89 2.01 -4.56
N LEU A 58 -5.90 1.88 -3.25
CA LEU A 58 -5.47 2.94 -2.36
C LEU A 58 -3.98 2.79 -1.97
N ALA A 59 -3.53 1.56 -1.79
CA ALA A 59 -2.18 1.30 -1.31
C ALA A 59 -1.16 1.38 -2.43
N ASP A 60 -1.50 0.82 -3.58
CA ASP A 60 -0.61 0.88 -4.73
C ASP A 60 -0.72 2.25 -5.37
N VAL A 61 0.20 3.13 -5.00
CA VAL A 61 0.14 4.53 -5.39
C VAL A 61 0.36 4.69 -6.88
N ASP A 62 1.36 4.00 -7.41
CA ASP A 62 1.72 4.12 -8.80
C ASP A 62 0.94 3.14 -9.68
N LYS A 63 0.37 2.12 -9.04
CA LYS A 63 -0.44 1.12 -9.71
C LYS A 63 0.34 0.42 -10.81
N ASP A 64 1.26 -0.43 -10.39
CA ASP A 64 2.19 -1.07 -11.30
C ASP A 64 2.10 -2.58 -11.19
N GLY A 65 1.09 -3.06 -10.47
CA GLY A 65 0.90 -4.50 -10.30
C GLY A 65 1.85 -5.08 -9.26
N LEU A 66 2.74 -4.24 -8.75
CA LEU A 66 3.65 -4.63 -7.69
C LEU A 66 3.58 -3.62 -6.56
N LEU A 67 4.13 -3.99 -5.42
CA LEU A 67 4.19 -3.09 -4.28
C LEU A 67 5.62 -2.92 -3.84
N ASP A 68 6.04 -1.67 -3.72
CA ASP A 68 7.37 -1.35 -3.19
C ASP A 68 7.39 -1.67 -1.70
N ASP A 69 8.56 -1.68 -1.10
CA ASP A 69 8.66 -1.80 0.34
C ASP A 69 7.86 -0.66 0.98
N GLU A 70 7.82 0.47 0.26
CA GLU A 70 7.05 1.63 0.68
C GLU A 70 5.55 1.38 0.67
N GLU A 71 5.00 1.01 -0.49
CA GLU A 71 3.55 0.87 -0.61
C GLU A 71 3.03 -0.44 -0.02
N PHE A 72 3.92 -1.40 0.16
CA PHE A 72 3.53 -2.63 0.85
C PHE A 72 3.46 -2.37 2.34
N ALA A 73 4.35 -1.49 2.82
CA ALA A 73 4.27 -1.01 4.18
C ALA A 73 2.97 -0.27 4.39
N LEU A 74 2.63 0.57 3.42
CA LEU A 74 1.38 1.33 3.44
C LEU A 74 0.18 0.37 3.47
N ALA A 75 0.22 -0.64 2.61
CA ALA A 75 -0.84 -1.65 2.55
C ALA A 75 -1.04 -2.32 3.90
N ASN A 76 0.06 -2.78 4.51
CA ASN A 76 -0.01 -3.43 5.82
C ASN A 76 -0.47 -2.46 6.90
N HIS A 77 -0.12 -1.20 6.74
CA HIS A 77 -0.54 -0.17 7.69
C HIS A 77 -2.05 0.04 7.58
N LEU A 78 -2.57 -0.07 6.36
CA LEU A 78 -4.02 0.01 6.12
C LEU A 78 -4.74 -1.16 6.77
N ILE A 79 -4.20 -2.36 6.55
CA ILE A 79 -4.73 -3.58 7.16
C ILE A 79 -4.76 -3.43 8.67
N LYS A 80 -3.66 -2.92 9.21
CA LYS A 80 -3.52 -2.67 10.64
C LYS A 80 -4.63 -1.75 11.14
N VAL A 81 -4.81 -0.64 10.45
CA VAL A 81 -5.82 0.36 10.83
C VAL A 81 -7.22 -0.25 10.86
N LYS A 82 -7.54 -1.06 9.85
CA LYS A 82 -8.85 -1.68 9.78
C LYS A 82 -9.02 -2.74 10.87
N LEU A 83 -7.97 -3.53 11.11
CA LEU A 83 -8.01 -4.57 12.13
C LEU A 83 -8.05 -3.95 13.52
N GLU A 84 -7.44 -2.78 13.67
CA GLU A 84 -7.40 -2.07 14.93
C GLU A 84 -8.77 -1.43 15.23
N GLY A 85 -9.59 -1.32 14.20
CA GLY A 85 -10.93 -0.81 14.38
C GLY A 85 -11.08 0.65 14.00
N HIS A 86 -10.30 1.09 13.02
CA HIS A 86 -10.39 2.48 12.55
C HIS A 86 -10.78 2.49 11.08
N GLU A 87 -10.89 3.67 10.51
CA GLU A 87 -11.34 3.79 9.14
C GLU A 87 -10.26 4.41 8.26
N LEU A 88 -10.27 4.02 6.99
CA LEU A 88 -9.37 4.58 6.00
C LEU A 88 -10.16 5.48 5.04
N PRO A 89 -9.55 6.59 4.59
CA PRO A 89 -10.24 7.56 3.72
C PRO A 89 -10.42 7.06 2.29
N ALA A 90 -9.71 5.99 1.94
CA ALA A 90 -9.72 5.41 0.60
C ALA A 90 -9.23 6.41 -0.44
N ASP A 91 -8.55 7.44 0.03
CA ASP A 91 -7.90 8.42 -0.82
C ASP A 91 -6.49 8.66 -0.29
N LEU A 92 -5.62 9.24 -1.09
CA LEU A 92 -4.24 9.45 -0.67
C LEU A 92 -3.94 10.92 -0.41
N PRO A 93 -4.07 11.37 0.85
CA PRO A 93 -3.69 12.72 1.23
C PRO A 93 -2.17 12.86 1.34
N PRO A 94 -1.65 14.08 1.20
CA PRO A 94 -0.20 14.35 1.24
C PRO A 94 0.56 13.64 2.36
N HIS A 95 -0.06 13.51 3.54
CA HIS A 95 0.64 12.93 4.68
C HIS A 95 0.61 11.40 4.65
N LEU A 96 0.19 10.83 3.52
CA LEU A 96 0.19 9.38 3.35
C LEU A 96 0.91 8.97 2.07
N VAL A 97 1.44 9.94 1.34
CA VAL A 97 2.13 9.66 0.08
C VAL A 97 3.59 9.31 0.34
N PRO A 98 4.03 8.12 -0.11
CA PRO A 98 5.42 7.67 0.04
C PRO A 98 6.41 8.65 -0.55
N PRO A 99 7.45 9.02 0.23
CA PRO A 99 8.45 10.01 -0.18
C PRO A 99 9.24 9.55 -1.41
N SER A 100 9.21 8.26 -1.68
CA SER A 100 9.93 7.68 -2.79
C SER A 100 9.21 7.93 -4.12
N LYS A 101 7.91 8.20 -4.06
CA LYS A 101 7.11 8.36 -5.27
C LYS A 101 6.56 9.76 -5.41
N ARG A 102 6.87 10.63 -4.46
CA ARG A 102 6.32 11.97 -4.47
C ARG A 102 7.16 12.89 -5.36
N ARG A 103 6.59 13.28 -6.49
CA ARG A 103 7.23 14.26 -7.36
C ARG A 103 6.58 15.62 -7.15
N HIS A 104 7.40 16.64 -6.95
CA HIS A 104 6.89 17.96 -6.62
C HIS A 104 7.26 18.96 -7.69
N GLU A 105 6.33 19.84 -8.02
CA GLU A 105 6.54 20.85 -9.04
C GLU A 105 5.67 22.06 -8.74
N PHE B 1 -5.58 -16.08 -15.78
CA PHE B 1 -5.80 -14.63 -15.62
C PHE B 1 -5.27 -13.89 -16.84
N ASN B 2 -6.12 -13.05 -17.43
CA ASN B 2 -5.76 -12.36 -18.67
C ASN B 2 -5.79 -10.84 -18.51
N TYR B 3 -6.29 -10.35 -17.37
CA TYR B 3 -6.39 -8.91 -17.17
C TYR B 3 -5.81 -8.53 -15.81
N GLU B 4 -5.56 -7.23 -15.63
CA GLU B 4 -5.05 -6.72 -14.37
C GLU B 4 -5.37 -5.22 -14.30
N SER B 5 -6.46 -4.86 -14.98
CA SER B 5 -6.86 -3.47 -15.16
C SER B 5 -7.25 -2.80 -13.85
N THR B 6 -7.46 -3.60 -12.81
CA THR B 6 -7.77 -3.07 -11.50
C THR B 6 -6.94 -3.80 -10.44
N GLY B 7 -5.74 -4.21 -10.85
CA GLY B 7 -4.87 -4.94 -9.95
C GLY B 7 -5.19 -6.41 -9.93
N PRO B 8 -4.55 -7.18 -9.03
CA PRO B 8 -4.79 -8.62 -8.91
C PRO B 8 -6.04 -8.94 -8.10
N PHE B 9 -6.72 -7.89 -7.63
CA PHE B 9 -7.91 -8.06 -6.80
C PHE B 9 -9.20 -7.86 -7.57
N THR B 10 -9.26 -6.76 -8.35
CA THR B 10 -10.49 -6.33 -9.00
C THR B 10 -11.47 -5.76 -7.96
N ALA B 11 -11.53 -4.44 -7.89
CA ALA B 11 -12.22 -3.75 -6.81
C ALA B 11 -13.70 -3.57 -7.06
N LYS B 12 -14.08 -3.39 -8.32
CA LYS B 12 -15.44 -2.99 -8.67
C LYS B 12 -15.79 -1.69 -7.97
N GLY A 1 9.19 35.48 11.93
CA GLY A 1 8.56 34.75 10.79
C GLY A 1 9.10 33.34 10.65
N PRO A 2 8.22 32.36 10.38
CA PRO A 2 8.62 30.96 10.24
C PRO A 2 9.59 30.75 9.07
N LEU A 3 9.12 31.04 7.86
CA LEU A 3 9.93 30.92 6.64
C LEU A 3 10.60 29.55 6.54
N GLY A 4 9.84 28.57 6.07
CA GLY A 4 10.38 27.23 5.94
C GLY A 4 9.36 26.27 5.36
N SER A 5 9.51 24.99 5.68
CA SER A 5 8.62 23.96 5.20
C SER A 5 8.44 22.88 6.26
N ASP A 6 7.22 22.34 6.36
CA ASP A 6 6.94 21.28 7.31
C ASP A 6 6.86 19.93 6.60
N ASP A 7 7.80 19.06 6.92
CA ASP A 7 7.82 17.71 6.35
C ASP A 7 7.38 16.71 7.41
N VAL A 8 6.20 16.14 7.20
CA VAL A 8 5.57 15.28 8.18
C VAL A 8 6.20 13.89 8.20
N GLU A 9 6.08 13.22 9.34
CA GLU A 9 6.55 11.85 9.47
C GLU A 9 5.65 10.92 8.65
N TRP A 10 6.22 9.90 8.04
CA TRP A 10 5.41 8.86 7.46
C TRP A 10 5.02 7.90 8.57
N VAL A 11 3.76 7.98 9.03
CA VAL A 11 3.31 7.16 10.15
C VAL A 11 3.21 5.69 9.78
N VAL A 12 3.62 5.38 8.57
CA VAL A 12 3.74 4.01 8.12
C VAL A 12 5.21 3.59 8.13
N GLY A 13 6.09 4.55 7.92
CA GLY A 13 7.51 4.26 7.81
C GLY A 13 8.19 4.14 9.16
N LYS A 14 7.49 4.51 10.22
CA LYS A 14 8.04 4.38 11.56
C LYS A 14 7.86 2.95 12.07
N ASP A 15 6.86 2.26 11.53
CA ASP A 15 6.67 0.84 11.83
C ASP A 15 6.98 0.03 10.57
N LYS A 16 7.94 0.52 9.79
CA LYS A 16 8.27 -0.08 8.51
C LYS A 16 9.11 -1.35 8.68
N PRO A 17 10.14 -1.37 9.57
CA PRO A 17 10.96 -2.57 9.80
C PRO A 17 10.16 -3.86 9.93
N THR A 18 8.99 -3.76 10.55
CA THR A 18 8.11 -4.91 10.71
C THR A 18 7.53 -5.33 9.35
N TYR A 19 7.07 -4.36 8.59
CA TYR A 19 6.52 -4.63 7.28
C TYR A 19 7.63 -5.04 6.32
N ASP A 20 8.86 -4.65 6.64
CA ASP A 20 10.03 -5.04 5.87
C ASP A 20 10.29 -6.52 6.04
N GLU A 21 10.20 -6.97 7.28
CA GLU A 21 10.43 -8.37 7.58
C GLU A 21 9.40 -9.23 6.86
N ILE A 22 8.14 -8.80 6.93
CA ILE A 22 7.06 -9.50 6.25
C ILE A 22 7.24 -9.42 4.73
N PHE A 23 7.64 -8.25 4.26
CA PHE A 23 7.87 -8.01 2.83
C PHE A 23 8.97 -8.91 2.28
N TYR A 24 10.02 -9.12 3.08
CA TYR A 24 11.18 -9.88 2.63
C TYR A 24 10.91 -11.38 2.70
N THR A 25 9.97 -11.79 3.56
CA THR A 25 9.62 -13.19 3.68
C THR A 25 8.69 -13.64 2.55
N LEU A 26 8.19 -12.69 1.77
CA LEU A 26 7.37 -12.99 0.60
C LEU A 26 8.27 -13.17 -0.63
N SER A 27 9.58 -13.00 -0.42
CA SER A 27 10.56 -13.06 -1.49
C SER A 27 10.32 -11.95 -2.53
N PRO A 28 10.79 -10.73 -2.23
CA PRO A 28 10.62 -9.58 -3.10
C PRO A 28 11.57 -9.61 -4.29
N VAL A 29 11.20 -8.90 -5.35
CA VAL A 29 12.04 -8.80 -6.52
C VAL A 29 12.31 -7.33 -6.84
N ASN A 30 13.59 -6.95 -6.74
CA ASN A 30 14.02 -5.57 -7.01
C ASN A 30 13.42 -4.59 -6.01
N GLY A 31 13.06 -5.08 -4.83
CA GLY A 31 12.50 -4.24 -3.79
C GLY A 31 10.99 -4.09 -3.89
N LYS A 32 10.38 -4.92 -4.73
CA LYS A 32 8.93 -4.89 -4.92
C LYS A 32 8.38 -6.31 -4.94
N ILE A 33 7.13 -6.48 -4.59
CA ILE A 33 6.48 -7.78 -4.70
C ILE A 33 5.33 -7.74 -5.69
N THR A 34 4.93 -8.89 -6.20
CA THR A 34 3.86 -8.96 -7.17
C THR A 34 2.51 -8.91 -6.45
N GLY A 35 1.45 -8.75 -7.22
CA GLY A 35 0.12 -8.75 -6.65
C GLY A 35 -0.25 -10.08 -6.02
N ALA A 36 0.49 -11.13 -6.37
CA ALA A 36 0.24 -12.47 -5.85
C ALA A 36 0.55 -12.57 -4.35
N ASN A 37 1.71 -12.05 -3.98
CA ASN A 37 2.19 -12.17 -2.61
C ASN A 37 1.38 -11.27 -1.70
N ALA A 38 1.14 -10.06 -2.17
CA ALA A 38 0.31 -9.13 -1.44
C ALA A 38 -1.12 -9.67 -1.33
N LYS A 39 -1.57 -10.35 -2.38
CA LYS A 39 -2.88 -11.00 -2.40
C LYS A 39 -3.01 -11.97 -1.23
N LYS A 40 -1.96 -12.75 -1.01
CA LYS A 40 -1.95 -13.75 0.05
C LYS A 40 -1.94 -13.08 1.42
N GLU A 41 -1.33 -11.92 1.50
CA GLU A 41 -1.28 -11.17 2.76
C GLU A 41 -2.65 -10.59 3.07
N MET A 42 -3.25 -9.98 2.05
CA MET A 42 -4.61 -9.45 2.15
C MET A 42 -5.56 -10.56 2.57
N VAL A 43 -5.36 -11.73 1.98
CA VAL A 43 -6.23 -12.88 2.23
C VAL A 43 -5.95 -13.48 3.61
N LYS A 44 -4.75 -13.25 4.15
CA LYS A 44 -4.41 -13.71 5.49
C LYS A 44 -5.12 -12.85 6.52
N SER A 45 -5.38 -11.60 6.16
CA SER A 45 -6.08 -10.68 7.04
C SER A 45 -7.59 -10.91 6.95
N LYS A 46 -7.98 -11.80 6.03
CA LYS A 46 -9.35 -12.32 5.95
C LYS A 46 -10.36 -11.23 5.60
N LEU A 47 -9.88 -10.17 4.96
CA LEU A 47 -10.76 -9.08 4.55
C LEU A 47 -11.37 -9.39 3.19
N PRO A 48 -12.60 -8.90 2.95
CA PRO A 48 -13.30 -9.10 1.67
C PRO A 48 -12.48 -8.64 0.47
N ASN A 49 -12.49 -9.43 -0.59
CA ASN A 49 -11.65 -9.19 -1.77
C ASN A 49 -11.98 -7.85 -2.40
N THR A 50 -13.24 -7.48 -2.35
CA THR A 50 -13.72 -6.21 -2.86
C THR A 50 -13.07 -5.05 -2.08
N VAL A 51 -12.98 -5.23 -0.77
CA VAL A 51 -12.36 -4.23 0.09
C VAL A 51 -10.84 -4.22 -0.12
N LEU A 52 -10.29 -5.40 -0.40
CA LEU A 52 -8.88 -5.52 -0.74
C LEU A 52 -8.60 -4.78 -2.04
N GLY A 53 -9.57 -4.80 -2.94
CA GLY A 53 -9.46 -4.06 -4.19
C GLY A 53 -9.44 -2.57 -3.94
N LYS A 54 -10.25 -2.13 -2.98
CA LYS A 54 -10.21 -0.75 -2.52
C LYS A 54 -8.82 -0.40 -2.02
N ILE A 55 -8.28 -1.27 -1.16
CA ILE A 55 -6.95 -1.06 -0.57
C ILE A 55 -5.88 -0.98 -1.66
N TRP A 56 -5.88 -1.93 -2.60
CA TRP A 56 -4.89 -1.95 -3.66
C TRP A 56 -4.98 -0.72 -4.53
N LYS A 57 -6.20 -0.35 -4.90
CA LYS A 57 -6.42 0.78 -5.79
C LYS A 57 -5.97 2.09 -5.16
N LEU A 58 -6.00 2.15 -3.83
CA LEU A 58 -5.69 3.35 -3.11
C LEU A 58 -4.22 3.41 -2.68
N ALA A 59 -3.74 2.31 -2.09
CA ALA A 59 -2.38 2.26 -1.52
C ALA A 59 -1.32 2.20 -2.61
N ASP A 60 -1.56 1.42 -3.65
CA ASP A 60 -0.64 1.36 -4.77
C ASP A 60 -0.85 2.59 -5.65
N VAL A 61 -0.03 3.59 -5.44
CA VAL A 61 -0.21 4.89 -6.06
C VAL A 61 0.26 4.88 -7.51
N ASP A 62 1.33 4.15 -7.76
CA ASP A 62 1.94 4.14 -9.08
C ASP A 62 1.25 3.17 -10.03
N LYS A 63 0.37 2.32 -9.47
CA LYS A 63 -0.48 1.44 -10.28
C LYS A 63 0.35 0.52 -11.15
N ASP A 64 1.52 0.18 -10.66
CA ASP A 64 2.49 -0.59 -11.42
C ASP A 64 2.24 -2.09 -11.28
N GLY A 65 1.11 -2.44 -10.67
CA GLY A 65 0.77 -3.84 -10.47
C GLY A 65 1.71 -4.52 -9.49
N LEU A 66 2.54 -3.72 -8.85
CA LEU A 66 3.50 -4.20 -7.88
C LEU A 66 3.49 -3.30 -6.66
N LEU A 67 3.99 -3.79 -5.56
CA LEU A 67 4.09 -2.98 -4.37
C LEU A 67 5.53 -2.80 -3.96
N ASP A 68 5.95 -1.55 -3.81
CA ASP A 68 7.28 -1.24 -3.29
C ASP A 68 7.30 -1.64 -1.83
N ASP A 69 8.46 -1.59 -1.19
CA ASP A 69 8.54 -1.90 0.23
C ASP A 69 7.72 -0.87 1.00
N GLU A 70 7.68 0.36 0.49
CA GLU A 70 6.87 1.42 1.07
C GLU A 70 5.38 1.17 0.79
N GLU A 71 5.04 0.81 -0.45
CA GLU A 71 3.63 0.62 -0.81
C GLU A 71 3.04 -0.56 -0.05
N PHE A 72 3.82 -1.61 0.10
CA PHE A 72 3.39 -2.77 0.88
C PHE A 72 3.21 -2.39 2.33
N ALA A 73 4.13 -1.59 2.85
CA ALA A 73 4.03 -1.09 4.22
C ALA A 73 2.73 -0.30 4.40
N LEU A 74 2.45 0.60 3.46
CA LEU A 74 1.22 1.40 3.51
C LEU A 74 -0.01 0.50 3.42
N ALA A 75 0.02 -0.44 2.49
CA ALA A 75 -1.08 -1.39 2.34
C ALA A 75 -1.34 -2.12 3.65
N ASN A 76 -0.30 -2.79 4.17
CA ASN A 76 -0.38 -3.54 5.42
C ASN A 76 -0.85 -2.65 6.57
N HIS A 77 -0.43 -1.39 6.55
CA HIS A 77 -0.79 -0.44 7.58
C HIS A 77 -2.30 -0.20 7.58
N LEU A 78 -2.88 -0.11 6.37
CA LEU A 78 -4.30 0.08 6.22
C LEU A 78 -5.06 -1.22 6.54
N ILE A 79 -4.50 -2.34 6.11
CA ILE A 79 -5.08 -3.64 6.38
C ILE A 79 -5.20 -3.85 7.89
N LYS A 80 -4.10 -3.60 8.59
CA LYS A 80 -4.04 -3.82 10.02
C LYS A 80 -4.88 -2.78 10.76
N VAL A 81 -5.06 -1.62 10.14
CA VAL A 81 -5.90 -0.57 10.74
C VAL A 81 -7.36 -0.98 10.66
N LYS A 82 -7.73 -1.70 9.58
CA LYS A 82 -9.04 -2.27 9.46
C LYS A 82 -9.25 -3.34 10.52
N LEU A 83 -8.19 -4.12 10.77
CA LEU A 83 -8.23 -5.15 11.81
C LEU A 83 -8.36 -4.51 13.19
N GLU A 84 -7.93 -3.25 13.29
CA GLU A 84 -8.03 -2.49 14.53
C GLU A 84 -9.45 -1.97 14.75
N GLY A 85 -10.30 -2.15 13.75
CA GLY A 85 -11.67 -1.69 13.86
C GLY A 85 -11.81 -0.24 13.43
N HIS A 86 -10.90 0.21 12.57
CA HIS A 86 -10.96 1.57 12.05
C HIS A 86 -11.33 1.55 10.58
N GLU A 87 -11.96 2.62 10.13
CA GLU A 87 -12.31 2.77 8.73
C GLU A 87 -11.42 3.82 8.09
N LEU A 88 -11.25 3.74 6.78
CA LEU A 88 -10.39 4.66 6.06
C LEU A 88 -11.19 5.46 5.04
N PRO A 89 -11.01 6.79 5.04
CA PRO A 89 -11.76 7.70 4.15
C PRO A 89 -11.36 7.59 2.69
N ALA A 90 -10.40 6.70 2.39
CA ALA A 90 -9.85 6.55 1.05
C ALA A 90 -9.15 7.84 0.62
N ASP A 91 -8.78 8.64 1.61
CA ASP A 91 -8.08 9.90 1.39
C ASP A 91 -6.61 9.70 1.74
N LEU A 92 -5.73 10.31 0.98
CA LEU A 92 -4.31 10.19 1.25
C LEU A 92 -3.70 11.52 1.65
N PRO A 93 -3.67 11.80 2.97
CA PRO A 93 -2.99 12.98 3.51
C PRO A 93 -1.46 12.83 3.42
N PRO A 94 -0.73 13.95 3.44
CA PRO A 94 0.74 13.95 3.31
C PRO A 94 1.46 13.03 4.29
N HIS A 95 0.88 12.81 5.47
CA HIS A 95 1.52 11.94 6.46
C HIS A 95 1.23 10.46 6.19
N LEU A 96 0.50 10.17 5.11
CA LEU A 96 0.25 8.80 4.71
C LEU A 96 0.90 8.48 3.36
N VAL A 97 1.45 9.50 2.72
CA VAL A 97 2.16 9.30 1.45
C VAL A 97 3.65 9.13 1.71
N PRO A 98 4.29 8.20 0.98
CA PRO A 98 5.72 7.90 1.15
C PRO A 98 6.60 9.10 0.81
N PRO A 99 7.71 9.28 1.55
CA PRO A 99 8.66 10.38 1.33
C PRO A 99 9.17 10.44 -0.12
N SER A 100 9.25 9.28 -0.77
CA SER A 100 9.76 9.21 -2.12
C SER A 100 8.73 9.71 -3.13
N LYS A 101 7.47 9.64 -2.78
CA LYS A 101 6.38 9.96 -3.69
C LYS A 101 5.59 11.17 -3.21
N ARG A 102 6.21 11.99 -2.38
CA ARG A 102 5.55 13.20 -1.87
C ARG A 102 6.17 14.45 -2.46
N ARG A 103 5.33 15.42 -2.81
CA ARG A 103 5.80 16.72 -3.26
C ARG A 103 5.01 17.82 -2.57
N HIS A 104 5.71 18.69 -1.85
CA HIS A 104 5.07 19.82 -1.21
C HIS A 104 5.84 21.11 -1.45
N GLU A 105 5.32 21.93 -2.33
CA GLU A 105 5.89 23.23 -2.62
C GLU A 105 4.79 24.21 -2.95
N PHE B 1 -9.95 -8.14 -23.65
CA PHE B 1 -9.18 -6.95 -24.08
C PHE B 1 -8.12 -6.62 -23.02
N ASN B 2 -6.90 -6.39 -23.47
CA ASN B 2 -5.79 -6.09 -22.57
C ASN B 2 -5.47 -4.61 -22.63
N TYR B 3 -5.12 -4.04 -21.49
CA TYR B 3 -4.78 -2.62 -21.41
C TYR B 3 -3.63 -2.41 -20.41
N GLU B 4 -3.98 -2.09 -19.18
CA GLU B 4 -3.04 -1.97 -18.08
C GLU B 4 -3.58 -2.78 -16.92
N SER B 5 -3.19 -2.47 -15.70
CA SER B 5 -3.63 -3.28 -14.57
C SER B 5 -4.37 -2.45 -13.53
N THR B 6 -5.53 -2.96 -13.12
CA THR B 6 -6.31 -2.34 -12.06
C THR B 6 -5.92 -2.91 -10.70
N GLY B 7 -5.78 -4.23 -10.66
CA GLY B 7 -5.39 -4.91 -9.44
C GLY B 7 -5.68 -6.39 -9.52
N PRO B 8 -5.00 -7.22 -8.71
CA PRO B 8 -5.17 -8.67 -8.72
C PRO B 8 -6.43 -9.12 -7.99
N PHE B 9 -7.16 -8.17 -7.44
CA PHE B 9 -8.37 -8.48 -6.69
C PHE B 9 -9.59 -8.44 -7.60
N THR B 10 -9.81 -7.31 -8.24
CA THR B 10 -10.94 -7.17 -9.15
C THR B 10 -10.47 -6.84 -10.57
N ALA B 11 -11.03 -7.55 -11.54
CA ALA B 11 -10.70 -7.36 -12.95
C ALA B 11 -11.83 -7.88 -13.82
N LYS B 12 -12.96 -8.16 -13.21
CA LYS B 12 -14.09 -8.77 -13.91
C LYS B 12 -15.28 -7.82 -13.92
N GLY A 1 8.75 31.99 -10.87
CA GLY A 1 7.43 31.67 -10.27
C GLY A 1 7.44 31.74 -8.77
N PRO A 2 6.27 31.93 -8.13
CA PRO A 2 6.17 31.96 -6.66
C PRO A 2 6.55 30.63 -6.04
N LEU A 3 7.26 30.69 -4.92
CA LEU A 3 7.78 29.50 -4.28
C LEU A 3 7.10 29.26 -2.93
N GLY A 4 6.44 28.12 -2.81
CA GLY A 4 5.79 27.75 -1.57
C GLY A 4 5.35 26.30 -1.58
N SER A 5 6.24 25.41 -1.18
CA SER A 5 5.95 23.98 -1.22
C SER A 5 5.60 23.48 0.18
N ASP A 6 4.59 22.62 0.26
CA ASP A 6 4.18 22.05 1.53
C ASP A 6 4.35 20.53 1.51
N ASP A 7 4.90 19.99 2.58
CA ASP A 7 5.14 18.55 2.69
C ASP A 7 4.71 18.06 4.08
N VAL A 8 4.20 16.83 4.14
CA VAL A 8 3.75 16.25 5.40
C VAL A 8 4.46 14.91 5.67
N GLU A 9 4.72 14.63 6.94
CA GLU A 9 5.45 13.43 7.33
C GLU A 9 4.62 12.17 7.06
N TRP A 10 5.29 11.10 6.63
CA TRP A 10 4.59 9.84 6.36
C TRP A 10 4.42 9.06 7.66
N VAL A 11 3.18 8.95 8.11
CA VAL A 11 2.88 8.29 9.38
C VAL A 11 3.32 6.82 9.37
N VAL A 12 3.34 6.22 8.18
CA VAL A 12 3.68 4.81 8.02
C VAL A 12 5.20 4.60 7.95
N GLY A 13 5.93 5.69 7.80
CA GLY A 13 7.37 5.59 7.59
C GLY A 13 8.12 5.06 8.79
N LYS A 14 7.47 5.04 9.94
CA LYS A 14 8.11 4.56 11.16
C LYS A 14 7.86 3.07 11.37
N ASP A 15 6.75 2.57 10.85
CA ASP A 15 6.38 1.17 11.09
C ASP A 15 6.92 0.28 9.97
N LYS A 16 8.07 0.66 9.41
CA LYS A 16 8.62 -0.05 8.28
C LYS A 16 9.34 -1.33 8.68
N PRO A 17 10.27 -1.31 9.67
CA PRO A 17 11.00 -2.52 10.08
C PRO A 17 10.12 -3.77 10.17
N THR A 18 8.90 -3.60 10.64
CA THR A 18 7.96 -4.70 10.76
C THR A 18 7.45 -5.18 9.40
N TYR A 19 7.08 -4.23 8.54
CA TYR A 19 6.49 -4.59 7.25
C TYR A 19 7.58 -4.98 6.27
N ASP A 20 8.79 -4.53 6.55
CA ASP A 20 9.97 -4.92 5.79
C ASP A 20 10.29 -6.37 6.13
N GLU A 21 10.16 -6.70 7.41
CA GLU A 21 10.34 -8.07 7.89
C GLU A 21 9.44 -9.02 7.12
N ILE A 22 8.17 -8.64 7.01
CA ILE A 22 7.18 -9.43 6.28
C ILE A 22 7.44 -9.36 4.77
N PHE A 23 7.82 -8.18 4.30
CA PHE A 23 8.05 -7.94 2.88
C PHE A 23 9.08 -8.92 2.31
N TYR A 24 10.07 -9.28 3.11
CA TYR A 24 11.16 -10.12 2.65
C TYR A 24 10.84 -11.61 2.82
N THR A 25 9.63 -11.93 3.26
CA THR A 25 9.23 -13.32 3.37
C THR A 25 8.40 -13.74 2.15
N LEU A 26 7.89 -12.76 1.42
CA LEU A 26 7.10 -13.02 0.22
C LEU A 26 7.96 -13.00 -1.03
N SER A 27 9.28 -12.95 -0.81
CA SER A 27 10.27 -12.95 -1.89
C SER A 27 10.16 -11.67 -2.74
N PRO A 28 10.86 -10.61 -2.33
CA PRO A 28 10.84 -9.33 -3.03
C PRO A 28 11.91 -9.22 -4.12
N VAL A 29 11.51 -8.63 -5.25
CA VAL A 29 12.44 -8.37 -6.34
C VAL A 29 12.65 -6.87 -6.54
N ASN A 30 13.88 -6.43 -6.36
CA ASN A 30 14.24 -5.02 -6.46
C ASN A 30 13.53 -4.19 -5.40
N GLY A 31 13.13 -4.86 -4.32
CA GLY A 31 12.40 -4.18 -3.27
C GLY A 31 10.94 -4.00 -3.62
N LYS A 32 10.44 -4.85 -4.51
CA LYS A 32 9.05 -4.84 -4.93
C LYS A 32 8.52 -6.27 -4.98
N ILE A 33 7.28 -6.47 -4.56
CA ILE A 33 6.67 -7.79 -4.67
C ILE A 33 5.49 -7.76 -5.62
N THR A 34 5.11 -8.93 -6.11
CA THR A 34 4.00 -9.06 -7.04
C THR A 34 2.67 -9.02 -6.29
N GLY A 35 1.60 -8.70 -7.01
CA GLY A 35 0.29 -8.65 -6.41
C GLY A 35 -0.19 -10.00 -5.93
N ALA A 36 0.44 -11.06 -6.43
CA ALA A 36 0.10 -12.42 -6.05
C ALA A 36 0.32 -12.66 -4.56
N ASN A 37 1.47 -12.22 -4.07
CA ASN A 37 1.84 -12.44 -2.67
C ASN A 37 1.13 -11.46 -1.76
N ALA A 38 0.94 -10.24 -2.25
CA ALA A 38 0.16 -9.26 -1.54
C ALA A 38 -1.27 -9.78 -1.39
N LYS A 39 -1.75 -10.41 -2.45
CA LYS A 39 -3.07 -11.04 -2.48
C LYS A 39 -3.17 -12.09 -1.38
N LYS A 40 -2.11 -12.89 -1.25
CA LYS A 40 -2.04 -13.92 -0.22
C LYS A 40 -2.27 -13.33 1.17
N GLU A 41 -1.47 -12.33 1.51
CA GLU A 41 -1.54 -11.72 2.84
C GLU A 41 -2.90 -11.04 3.06
N MET A 42 -3.38 -10.38 2.03
CA MET A 42 -4.66 -9.69 2.09
C MET A 42 -5.79 -10.64 2.47
N VAL A 43 -5.84 -11.79 1.82
CA VAL A 43 -6.89 -12.76 2.09
C VAL A 43 -6.66 -13.48 3.43
N LYS A 44 -5.43 -13.41 3.95
CA LYS A 44 -5.14 -13.96 5.28
C LYS A 44 -5.67 -13.00 6.34
N SER A 45 -5.86 -11.75 5.94
CA SER A 45 -6.32 -10.71 6.86
C SER A 45 -7.84 -10.78 7.08
N LYS A 46 -8.48 -11.78 6.45
CA LYS A 46 -9.91 -12.05 6.63
C LYS A 46 -10.78 -10.93 6.08
N LEU A 47 -10.24 -10.15 5.16
CA LEU A 47 -10.98 -9.07 4.53
C LEU A 47 -11.57 -9.54 3.21
N PRO A 48 -12.75 -9.03 2.83
CA PRO A 48 -13.42 -9.42 1.60
C PRO A 48 -12.73 -8.86 0.36
N ASN A 49 -12.93 -9.53 -0.78
CA ASN A 49 -12.29 -9.17 -2.04
C ASN A 49 -12.55 -7.72 -2.41
N THR A 50 -13.77 -7.26 -2.15
CA THR A 50 -14.15 -5.89 -2.42
C THR A 50 -13.24 -4.91 -1.67
N VAL A 51 -13.10 -5.14 -0.37
CA VAL A 51 -12.27 -4.29 0.49
C VAL A 51 -10.82 -4.37 0.06
N LEU A 52 -10.37 -5.56 -0.27
CA LEU A 52 -8.99 -5.77 -0.72
C LEU A 52 -8.71 -5.00 -2.00
N GLY A 53 -9.70 -4.94 -2.88
CA GLY A 53 -9.56 -4.22 -4.13
C GLY A 53 -9.49 -2.73 -3.90
N LYS A 54 -10.24 -2.26 -2.91
CA LYS A 54 -10.19 -0.87 -2.52
C LYS A 54 -8.79 -0.51 -2.07
N ILE A 55 -8.27 -1.29 -1.13
CA ILE A 55 -6.97 -1.04 -0.54
C ILE A 55 -5.87 -1.13 -1.59
N TRP A 56 -5.97 -2.08 -2.52
CA TRP A 56 -4.97 -2.20 -3.59
C TRP A 56 -4.95 -0.93 -4.44
N LYS A 57 -6.14 -0.44 -4.80
CA LYS A 57 -6.24 0.73 -5.66
C LYS A 57 -5.72 1.98 -4.94
N LEU A 58 -5.75 1.94 -3.61
CA LEU A 58 -5.29 3.08 -2.81
C LEU A 58 -3.79 3.02 -2.56
N ALA A 59 -3.32 1.88 -2.07
CA ALA A 59 -1.92 1.72 -1.66
C ALA A 59 -0.98 1.83 -2.85
N ASP A 60 -1.39 1.28 -3.98
CA ASP A 60 -0.58 1.35 -5.19
C ASP A 60 -0.78 2.70 -5.86
N VAL A 61 0.13 3.62 -5.59
CA VAL A 61 0.02 5.00 -6.03
C VAL A 61 0.52 5.16 -7.48
N ASP A 62 1.56 4.42 -7.81
CA ASP A 62 2.19 4.52 -9.13
C ASP A 62 1.51 3.61 -10.13
N LYS A 63 0.58 2.80 -9.63
CA LYS A 63 -0.29 1.96 -10.48
C LYS A 63 0.55 0.98 -11.30
N ASP A 64 1.60 0.45 -10.69
CA ASP A 64 2.55 -0.39 -11.41
C ASP A 64 2.28 -1.87 -11.18
N GLY A 65 1.14 -2.18 -10.56
CA GLY A 65 0.77 -3.58 -10.33
C GLY A 65 1.71 -4.28 -9.37
N LEU A 66 2.62 -3.52 -8.79
CA LEU A 66 3.59 -4.07 -7.86
C LEU A 66 3.64 -3.21 -6.61
N LEU A 67 4.10 -3.79 -5.52
CA LEU A 67 4.23 -3.05 -4.29
C LEU A 67 5.68 -2.96 -3.88
N ASP A 68 6.20 -1.73 -3.86
CA ASP A 68 7.54 -1.49 -3.31
C ASP A 68 7.48 -1.67 -1.80
N ASP A 69 8.64 -1.63 -1.15
CA ASP A 69 8.67 -1.71 0.30
C ASP A 69 7.84 -0.58 0.91
N GLU A 70 7.78 0.55 0.19
CA GLU A 70 6.95 1.68 0.57
C GLU A 70 5.47 1.32 0.50
N GLU A 71 5.02 0.90 -0.69
CA GLU A 71 3.60 0.67 -0.92
C GLU A 71 3.10 -0.54 -0.10
N PHE A 72 3.95 -1.53 0.05
CA PHE A 72 3.62 -2.70 0.84
C PHE A 72 3.52 -2.33 2.31
N ALA A 73 4.38 -1.41 2.74
CA ALA A 73 4.32 -0.91 4.11
C ALA A 73 2.97 -0.25 4.36
N LEU A 74 2.49 0.52 3.38
CA LEU A 74 1.19 1.15 3.48
C LEU A 74 0.07 0.11 3.49
N ALA A 75 0.16 -0.85 2.58
CA ALA A 75 -0.82 -1.91 2.47
C ALA A 75 -0.93 -2.69 3.79
N ASN A 76 0.22 -3.11 4.32
CA ASN A 76 0.26 -3.84 5.58
C ASN A 76 -0.17 -2.96 6.74
N HIS A 77 0.10 -1.67 6.62
CA HIS A 77 -0.32 -0.72 7.64
C HIS A 77 -1.83 -0.67 7.70
N LEU A 78 -2.47 -0.62 6.53
CA LEU A 78 -3.93 -0.60 6.46
C LEU A 78 -4.51 -1.90 7.00
N ILE A 79 -3.87 -3.01 6.68
CA ILE A 79 -4.25 -4.32 7.24
C ILE A 79 -4.23 -4.26 8.76
N LYS A 80 -3.10 -3.79 9.29
CA LYS A 80 -2.90 -3.70 10.72
C LYS A 80 -3.94 -2.77 11.35
N VAL A 81 -4.12 -1.60 10.76
CA VAL A 81 -5.04 -0.59 11.26
C VAL A 81 -6.48 -1.11 11.24
N LYS A 82 -6.82 -1.89 10.22
CA LYS A 82 -8.14 -2.50 10.12
C LYS A 82 -8.36 -3.50 11.26
N LEU A 83 -7.40 -4.41 11.44
CA LEU A 83 -7.49 -5.43 12.46
C LEU A 83 -7.36 -4.82 13.86
N GLU A 84 -6.70 -3.67 13.93
CA GLU A 84 -6.50 -2.96 15.19
C GLU A 84 -7.82 -2.34 15.67
N GLY A 85 -8.79 -2.27 14.77
CA GLY A 85 -10.09 -1.77 15.14
C GLY A 85 -10.38 -0.39 14.57
N HIS A 86 -9.78 -0.06 13.44
CA HIS A 86 -10.05 1.21 12.79
C HIS A 86 -10.58 0.95 11.39
N GLU A 87 -11.31 1.92 10.85
CA GLU A 87 -11.82 1.80 9.48
C GLU A 87 -11.22 2.89 8.61
N LEU A 88 -10.97 2.57 7.35
CA LEU A 88 -10.38 3.50 6.43
C LEU A 88 -11.44 4.18 5.58
N PRO A 89 -11.24 5.46 5.24
CA PRO A 89 -12.21 6.24 4.46
C PRO A 89 -12.24 5.83 2.98
N ALA A 90 -11.33 4.92 2.61
CA ALA A 90 -11.20 4.43 1.24
C ALA A 90 -10.66 5.51 0.30
N ASP A 91 -10.04 6.53 0.89
CA ASP A 91 -9.37 7.58 0.13
C ASP A 91 -7.88 7.55 0.44
N LEU A 92 -7.10 8.33 -0.30
CA LEU A 92 -5.67 8.41 -0.05
C LEU A 92 -5.28 9.82 0.39
N PRO A 93 -5.16 10.03 1.71
CA PRO A 93 -4.76 11.32 2.28
C PRO A 93 -3.26 11.59 2.13
N PRO A 94 -2.85 12.88 2.14
CA PRO A 94 -1.46 13.29 1.91
C PRO A 94 -0.46 12.61 2.85
N HIS A 95 -0.86 12.36 4.09
CA HIS A 95 0.05 11.77 5.07
C HIS A 95 0.17 10.25 4.89
N LEU A 96 -0.41 9.73 3.81
CA LEU A 96 -0.27 8.32 3.49
C LEU A 96 0.45 8.13 2.16
N VAL A 97 0.91 9.22 1.58
CA VAL A 97 1.65 9.17 0.32
C VAL A 97 3.13 8.88 0.57
N PRO A 98 3.67 7.82 -0.03
CA PRO A 98 5.08 7.43 0.11
C PRO A 98 6.04 8.58 -0.25
N PRO A 99 7.16 8.69 0.49
CA PRO A 99 8.11 9.80 0.33
C PRO A 99 8.77 9.85 -1.05
N SER A 100 9.02 8.70 -1.63
CA SER A 100 9.73 8.65 -2.91
C SER A 100 8.78 8.77 -4.09
N LYS A 101 7.49 8.89 -3.79
CA LYS A 101 6.48 8.94 -4.84
C LYS A 101 5.69 10.25 -4.79
N ARG A 102 6.16 11.19 -3.98
CA ARG A 102 5.48 12.47 -3.84
C ARG A 102 6.24 13.56 -4.60
N ARG A 103 5.51 14.35 -5.38
CA ARG A 103 6.12 15.40 -6.18
C ARG A 103 5.24 16.64 -6.22
N HIS A 104 5.87 17.79 -6.35
CA HIS A 104 5.15 19.04 -6.58
C HIS A 104 5.58 19.63 -7.91
N GLU A 105 4.75 19.44 -8.94
CA GLU A 105 5.07 19.94 -10.27
C GLU A 105 3.78 20.12 -11.07
N PHE B 1 -6.73 -7.16 -23.14
CA PHE B 1 -6.98 -8.58 -23.49
C PHE B 1 -6.63 -9.49 -22.31
N ASN B 2 -5.36 -9.83 -22.19
CA ASN B 2 -4.88 -10.64 -21.07
C ASN B 2 -4.22 -9.75 -20.03
N TYR B 3 -3.68 -8.63 -20.49
CA TYR B 3 -3.05 -7.66 -19.62
C TYR B 3 -4.05 -6.55 -19.27
N GLU B 4 -3.56 -5.35 -18.98
CA GLU B 4 -4.41 -4.22 -18.62
C GLU B 4 -5.19 -4.50 -17.34
N SER B 5 -4.53 -5.17 -16.41
CA SER B 5 -5.15 -5.54 -15.15
C SER B 5 -5.40 -4.32 -14.27
N THR B 6 -6.55 -4.30 -13.61
CA THR B 6 -6.90 -3.22 -12.70
C THR B 6 -6.51 -3.57 -11.26
N GLY B 7 -5.82 -4.70 -11.13
CA GLY B 7 -5.37 -5.17 -9.83
C GLY B 7 -5.73 -6.62 -9.63
N PRO B 8 -4.99 -7.34 -8.76
CA PRO B 8 -5.17 -8.79 -8.57
C PRO B 8 -6.43 -9.14 -7.77
N PHE B 9 -7.14 -8.12 -7.29
CA PHE B 9 -8.35 -8.35 -6.50
C PHE B 9 -9.60 -8.13 -7.34
N THR B 10 -9.41 -7.65 -8.56
CA THR B 10 -10.52 -7.39 -9.46
C THR B 10 -10.20 -7.86 -10.87
N ALA B 11 -9.01 -8.42 -11.04
CA ALA B 11 -8.57 -8.95 -12.32
C ALA B 11 -7.61 -10.11 -12.11
N LYS B 12 -8.14 -11.33 -12.27
CA LYS B 12 -7.36 -12.57 -12.14
C LYS B 12 -6.85 -12.74 -10.71
#